data_8RGF
#
_entry.id   8RGF
#
_cell.length_a   46.940
_cell.length_b   135.160
_cell.length_c   145.150
_cell.angle_alpha   90.00
_cell.angle_beta   90.00
_cell.angle_gamma   90.00
#
_symmetry.space_group_name_H-M   'P 21 21 21'
#
loop_
_entity.id
_entity.type
_entity.pdbx_description
1 polymer 'Arginase-2, mitochondrial'
2 non-polymer 'MANGANESE (II) ION'
3 non-polymer 4-[(2~{R},4~{R})-4-azanyl-2-carboxy-pyrrolidin-2-yl]butyl-tris(oxidanyl)boranuide
4 water water
#
_entity_poly.entity_id   1
_entity_poly.type   'polypeptide(L)'
_entity_poly.pdbx_seq_one_letter_code
;HHHHHHGGGENLYFQSVHSVAVIGAPFSQGQKRKGVEHGPAAIREAGLMKRLSSLGCHLKDFGDLSFTPVPKDDLYNNLI
VNPRSVGLANQELAEVVSRAVSDGYSCVTLGGDHSLAIGTISGHARHCPDLCVVWVDAHADINTPLTTSSGNLHGQPVSF
LLRELQDKVPQLPGFSWIKPCISSASIVYIGLRDVDPPEHFILKNYDIQYFSMRDIDRLGIQKVMERTFDLLIGKRQRPI
HLSFDIDAFDPTLAPATGTPVVGGLTYREGMYIAEEIHNTGLLSALDLVEVNPQLATSEEEAKTTANLAVDVIASSFGQT
REGGHIVYDQLPTPS
;
_entity_poly.pdbx_strand_id   A,B,C
#
# COMPACT_ATOMS: atom_id res chain seq x y z
N VAL A 17 22.66 9.49 -22.07
CA VAL A 17 22.27 9.46 -23.49
C VAL A 17 22.10 8.00 -23.96
N HIS A 18 20.90 7.69 -24.49
CA HIS A 18 20.54 6.36 -25.00
C HIS A 18 19.90 6.52 -26.37
N SER A 19 20.11 5.54 -27.27
CA SER A 19 19.48 5.53 -28.59
C SER A 19 18.25 4.63 -28.40
N VAL A 20 17.05 5.20 -28.54
CA VAL A 20 15.81 4.48 -28.29
C VAL A 20 14.91 4.45 -29.50
N ALA A 21 14.55 3.23 -29.94
CA ALA A 21 13.62 3.02 -31.04
C ALA A 21 12.25 2.72 -30.43
N VAL A 22 11.20 3.32 -30.99
CA VAL A 22 9.84 3.10 -30.51
C VAL A 22 9.02 2.48 -31.63
N ILE A 23 8.33 1.35 -31.33
CA ILE A 23 7.46 0.62 -32.25
C ILE A 23 6.08 0.48 -31.64
N GLY A 24 5.07 0.92 -32.38
CA GLY A 24 3.68 0.72 -32.01
C GLY A 24 3.17 -0.57 -32.61
N ALA A 25 2.62 -1.47 -31.77
CA ALA A 25 2.09 -2.76 -32.23
C ALA A 25 0.60 -2.90 -31.87
N PRO A 26 -0.31 -2.20 -32.62
CA PRO A 26 -1.75 -2.31 -32.32
C PRO A 26 -2.33 -3.67 -32.71
N PHE A 27 -2.13 -4.67 -31.85
CA PHE A 27 -2.55 -6.05 -32.07
C PHE A 27 -3.33 -6.61 -30.87
N SER A 28 -4.47 -7.24 -31.14
CA SER A 28 -5.35 -7.76 -30.10
C SER A 28 -5.75 -9.22 -30.24
N GLN A 29 -5.33 -9.89 -31.34
CA GLN A 29 -5.76 -11.26 -31.63
C GLN A 29 -5.18 -12.35 -30.69
N GLY A 30 -4.27 -11.97 -29.77
CA GLY A 30 -3.75 -12.89 -28.76
C GLY A 30 -4.74 -13.14 -27.62
N GLN A 31 -5.82 -12.32 -27.56
CA GLN A 31 -6.89 -12.40 -26.57
C GLN A 31 -8.27 -12.07 -27.19
N LYS A 32 -9.34 -12.09 -26.37
CA LYS A 32 -10.72 -11.88 -26.85
C LYS A 32 -11.31 -10.51 -26.53
N ARG A 33 -10.71 -9.75 -25.58
CA ARG A 33 -11.20 -8.43 -25.16
C ARG A 33 -10.77 -7.29 -26.09
N LYS A 34 -11.76 -6.56 -26.65
CA LYS A 34 -11.56 -5.44 -27.58
C LYS A 34 -10.93 -4.22 -26.92
N GLY A 35 -10.10 -3.51 -27.69
CA GLY A 35 -9.52 -2.25 -27.25
C GLY A 35 -8.05 -2.19 -26.96
N VAL A 36 -7.38 -3.35 -26.71
CA VAL A 36 -5.95 -3.39 -26.39
C VAL A 36 -5.09 -2.91 -27.59
N GLU A 37 -5.66 -2.95 -28.81
CA GLU A 37 -5.01 -2.44 -30.03
C GLU A 37 -4.85 -0.90 -29.97
N HIS A 38 -5.58 -0.21 -29.08
CA HIS A 38 -5.52 1.25 -28.90
C HIS A 38 -4.52 1.68 -27.83
N GLY A 39 -3.86 0.69 -27.21
CA GLY A 39 -2.82 0.88 -26.22
C GLY A 39 -1.64 1.71 -26.71
N PRO A 40 -1.07 1.45 -27.93
CA PRO A 40 0.04 2.31 -28.40
C PRO A 40 -0.37 3.77 -28.58
N ALA A 41 -1.61 4.01 -29.07
CA ALA A 41 -2.16 5.37 -29.27
C ALA A 41 -2.29 6.09 -27.93
N ALA A 42 -2.84 5.40 -26.92
CA ALA A 42 -3.03 5.93 -25.56
C ALA A 42 -1.72 6.24 -24.84
N ILE A 43 -0.67 5.42 -25.04
CA ILE A 43 0.66 5.64 -24.41
C ILE A 43 1.38 6.83 -25.07
N ARG A 44 1.20 6.97 -26.39
CA ARG A 44 1.78 8.07 -27.17
C ARG A 44 1.10 9.38 -26.75
N GLU A 45 -0.24 9.36 -26.63
CA GLU A 45 -1.08 10.48 -26.23
C GLU A 45 -0.74 10.96 -24.82
N ALA A 46 -0.27 10.03 -23.96
CA ALA A 46 0.18 10.33 -22.59
C ALA A 46 1.55 11.05 -22.54
N GLY A 47 2.14 11.31 -23.71
CA GLY A 47 3.38 12.06 -23.87
C GLY A 47 4.70 11.32 -23.79
N LEU A 48 4.71 10.05 -24.25
CA LEU A 48 5.89 9.18 -24.25
C LEU A 48 7.12 9.78 -24.92
N MET A 49 6.97 10.22 -26.18
CA MET A 49 8.10 10.72 -26.96
C MET A 49 8.71 11.98 -26.35
N LYS A 50 7.86 12.94 -25.92
CA LYS A 50 8.30 14.17 -25.22
C LYS A 50 9.04 13.82 -23.91
N ARG A 51 8.51 12.87 -23.11
CA ARG A 51 9.15 12.43 -21.86
C ARG A 51 10.53 11.79 -22.13
N LEU A 52 10.65 10.94 -23.19
CA LEU A 52 11.93 10.31 -23.54
C LEU A 52 12.91 11.36 -24.08
N SER A 53 12.40 12.33 -24.87
CA SER A 53 13.22 13.43 -25.41
C SER A 53 13.83 14.23 -24.25
N SER A 54 13.00 14.59 -23.23
CA SER A 54 13.40 15.35 -22.03
C SER A 54 14.47 14.63 -21.18
N LEU A 55 14.66 13.31 -21.39
CA LEU A 55 15.67 12.50 -20.70
C LEU A 55 16.98 12.44 -21.50
N GLY A 56 16.97 13.02 -22.71
CA GLY A 56 18.14 13.05 -23.58
C GLY A 56 18.29 11.87 -24.51
N CYS A 57 17.25 11.06 -24.66
CA CYS A 57 17.26 9.89 -25.54
C CYS A 57 17.22 10.29 -27.02
N HIS A 58 18.15 9.74 -27.84
CA HIS A 58 18.18 9.91 -29.30
C HIS A 58 17.10 8.96 -29.81
N LEU A 59 16.00 9.52 -30.31
CA LEU A 59 14.84 8.72 -30.71
C LEU A 59 14.66 8.47 -32.20
N LYS A 60 14.17 7.25 -32.52
CA LYS A 60 13.76 6.83 -33.85
C LYS A 60 12.36 6.22 -33.69
N ASP A 61 11.34 6.91 -34.21
CA ASP A 61 9.98 6.43 -34.15
C ASP A 61 9.65 5.63 -35.42
N PHE A 62 9.45 4.30 -35.30
CA PHE A 62 9.12 3.41 -36.41
C PHE A 62 7.62 3.45 -36.73
N GLY A 63 6.89 4.27 -35.99
CA GLY A 63 5.44 4.41 -36.10
C GLY A 63 4.68 3.21 -35.57
N ASP A 64 3.36 3.15 -35.88
CA ASP A 64 2.47 2.05 -35.49
C ASP A 64 2.25 1.11 -36.68
N LEU A 65 2.83 -0.12 -36.60
CA LEU A 65 2.75 -1.15 -37.64
C LEU A 65 1.32 -1.56 -37.93
N SER A 66 1.05 -1.82 -39.21
CA SER A 66 -0.26 -2.28 -39.64
C SER A 66 -0.05 -3.74 -39.95
N PHE A 67 -0.68 -4.60 -39.16
CA PHE A 67 -0.49 -6.03 -39.32
C PHE A 67 -1.38 -6.59 -40.41
N THR A 68 -0.76 -7.36 -41.33
CA THR A 68 -1.41 -8.06 -42.45
C THR A 68 -2.44 -9.01 -41.82
N PRO A 69 -3.75 -8.76 -41.99
CA PRO A 69 -4.74 -9.66 -41.35
C PRO A 69 -4.86 -10.98 -42.09
N VAL A 70 -5.39 -12.00 -41.39
CA VAL A 70 -5.66 -13.32 -41.95
C VAL A 70 -7.19 -13.46 -41.95
N PRO A 71 -7.85 -13.46 -43.14
CA PRO A 71 -9.33 -13.52 -43.17
C PRO A 71 -9.89 -14.84 -42.65
N LYS A 72 -9.38 -15.98 -43.19
CA LYS A 72 -9.80 -17.29 -42.74
C LYS A 72 -8.80 -17.76 -41.68
N ASP A 73 -9.16 -17.55 -40.39
CA ASP A 73 -8.33 -17.90 -39.24
C ASP A 73 -9.19 -18.07 -37.99
N ASP A 74 -9.85 -19.22 -37.88
CA ASP A 74 -10.67 -19.44 -36.71
C ASP A 74 -10.22 -20.66 -35.92
N LEU A 75 -10.96 -20.95 -34.82
CA LEU A 75 -10.75 -21.98 -33.82
C LEU A 75 -10.04 -23.22 -34.37
N TYR A 76 -8.88 -23.51 -33.78
CA TYR A 76 -8.01 -24.60 -34.18
C TYR A 76 -8.00 -25.68 -33.10
N ASN A 77 -8.36 -26.92 -33.49
CA ASN A 77 -8.45 -28.06 -32.57
C ASN A 77 -9.41 -27.78 -31.41
N ASN A 78 -10.47 -27.00 -31.71
CA ASN A 78 -11.53 -26.61 -30.79
C ASN A 78 -10.96 -25.89 -29.55
N LEU A 79 -9.85 -25.14 -29.71
CA LEU A 79 -9.19 -24.55 -28.56
C LEU A 79 -8.38 -23.29 -28.86
N ILE A 80 -7.40 -23.34 -29.77
CA ILE A 80 -6.50 -22.21 -30.07
C ILE A 80 -7.22 -21.13 -30.90
N VAL A 81 -7.27 -19.91 -30.37
CA VAL A 81 -7.91 -18.74 -31.00
C VAL A 81 -6.93 -17.97 -31.88
N ASN A 82 -7.38 -17.64 -33.09
CA ASN A 82 -6.65 -16.88 -34.12
C ASN A 82 -5.16 -17.27 -34.31
N PRO A 83 -4.76 -18.57 -34.44
CA PRO A 83 -3.31 -18.87 -34.54
C PRO A 83 -2.57 -18.25 -35.72
N ARG A 84 -3.20 -18.25 -36.92
CA ARG A 84 -2.58 -17.70 -38.14
C ARG A 84 -2.27 -16.21 -38.02
N SER A 85 -3.21 -15.39 -37.47
CA SER A 85 -3.04 -13.95 -37.27
C SER A 85 -1.95 -13.67 -36.25
N VAL A 86 -1.93 -14.42 -35.13
CA VAL A 86 -0.94 -14.26 -34.08
C VAL A 86 0.46 -14.58 -34.61
N GLY A 87 0.58 -15.72 -35.29
CA GLY A 87 1.84 -16.14 -35.88
C GLY A 87 2.38 -15.15 -36.89
N LEU A 88 1.49 -14.67 -37.81
CA LEU A 88 1.87 -13.72 -38.86
C LEU A 88 2.27 -12.34 -38.33
N ALA A 89 1.45 -11.75 -37.44
CA ALA A 89 1.70 -10.46 -36.80
C ALA A 89 3.03 -10.45 -36.08
N ASN A 90 3.35 -11.57 -35.38
CA ASN A 90 4.62 -11.70 -34.67
C ASN A 90 5.80 -11.87 -35.60
N GLN A 91 5.61 -12.54 -36.76
CA GLN A 91 6.69 -12.69 -37.74
C GLN A 91 7.10 -11.31 -38.26
N GLU A 92 6.10 -10.47 -38.62
CA GLU A 92 6.27 -9.09 -39.09
C GLU A 92 6.96 -8.25 -38.04
N LEU A 93 6.46 -8.31 -36.78
CA LEU A 93 7.01 -7.59 -35.63
C LEU A 93 8.47 -7.98 -35.40
N ALA A 94 8.82 -9.28 -35.50
CA ALA A 94 10.21 -9.72 -35.32
C ALA A 94 11.19 -9.04 -36.31
N GLU A 95 10.77 -8.82 -37.57
CA GLU A 95 11.62 -8.15 -38.56
C GLU A 95 11.95 -6.71 -38.19
N VAL A 96 10.95 -5.95 -37.69
CA VAL A 96 11.09 -4.54 -37.27
C VAL A 96 12.00 -4.43 -36.04
N VAL A 97 11.82 -5.35 -35.06
CA VAL A 97 12.64 -5.35 -33.85
C VAL A 97 14.09 -5.66 -34.22
N SER A 98 14.29 -6.65 -35.12
CA SER A 98 15.61 -7.06 -35.62
C SER A 98 16.35 -5.84 -36.22
N ARG A 99 15.66 -5.08 -37.09
CA ARG A 99 16.15 -3.86 -37.74
C ARG A 99 16.58 -2.81 -36.70
N ALA A 100 15.68 -2.51 -35.72
CA ALA A 100 15.93 -1.54 -34.65
C ALA A 100 17.16 -1.92 -33.83
N VAL A 101 17.25 -3.20 -33.39
CA VAL A 101 18.38 -3.73 -32.63
C VAL A 101 19.69 -3.70 -33.45
N SER A 102 19.67 -4.22 -34.71
CA SER A 102 20.86 -4.22 -35.58
C SER A 102 21.33 -2.79 -35.91
N ASP A 103 20.41 -1.79 -35.94
CA ASP A 103 20.72 -0.36 -36.12
C ASP A 103 21.24 0.29 -34.81
N GLY A 104 21.37 -0.49 -33.73
CA GLY A 104 21.91 -0.05 -32.44
C GLY A 104 20.99 0.66 -31.47
N TYR A 105 19.68 0.50 -31.61
CA TYR A 105 18.72 1.11 -30.69
C TYR A 105 18.23 0.15 -29.63
N SER A 106 17.86 0.71 -28.45
CA SER A 106 17.21 -0.01 -27.36
C SER A 106 15.76 -0.01 -27.86
N CYS A 107 15.19 -1.21 -28.05
CA CYS A 107 13.91 -1.30 -28.71
C CYS A 107 12.68 -1.36 -27.78
N VAL A 108 11.83 -0.30 -27.84
CA VAL A 108 10.61 -0.14 -27.06
C VAL A 108 9.39 -0.51 -27.91
N THR A 109 8.69 -1.59 -27.55
CA THR A 109 7.48 -1.99 -28.29
C THR A 109 6.25 -1.74 -27.44
N LEU A 110 5.27 -1.03 -28.01
CA LEU A 110 4.03 -0.69 -27.35
C LEU A 110 2.96 -1.65 -27.82
N GLY A 111 2.34 -2.35 -26.87
CA GLY A 111 1.26 -3.27 -27.15
C GLY A 111 -0.09 -2.60 -26.95
N GLY A 112 -1.19 -3.30 -27.27
CA GLY A 112 -1.19 -4.65 -27.80
C GLY A 112 -1.07 -5.71 -26.72
N ASP A 113 -1.62 -6.91 -26.98
CA ASP A 113 -1.61 -7.99 -25.99
C ASP A 113 -0.24 -8.63 -25.84
N HIS A 114 -0.04 -9.43 -24.78
CA HIS A 114 1.26 -10.03 -24.50
C HIS A 114 1.72 -11.14 -25.50
N SER A 115 0.86 -11.59 -26.47
CA SER A 115 1.36 -12.56 -27.47
C SER A 115 2.48 -11.93 -28.33
N LEU A 116 2.53 -10.59 -28.37
CA LEU A 116 3.54 -9.81 -29.09
C LEU A 116 4.99 -10.04 -28.60
N ALA A 117 5.18 -10.59 -27.39
CA ALA A 117 6.54 -10.91 -26.91
C ALA A 117 7.18 -12.02 -27.78
N ILE A 118 6.37 -12.90 -28.46
CA ILE A 118 6.92 -13.92 -29.37
C ILE A 118 7.76 -13.16 -30.43
N GLY A 119 7.18 -12.13 -31.03
CA GLY A 119 7.87 -11.32 -32.03
C GLY A 119 9.04 -10.52 -31.52
N THR A 120 8.87 -9.81 -30.39
CA THR A 120 9.94 -8.94 -29.87
C THR A 120 11.14 -9.71 -29.39
N ILE A 121 10.92 -10.80 -28.63
CA ILE A 121 12.04 -11.60 -28.12
C ILE A 121 12.75 -12.35 -29.30
N SER A 122 11.96 -12.91 -30.25
CA SER A 122 12.51 -13.60 -31.45
C SER A 122 13.39 -12.64 -32.27
N GLY A 123 12.92 -11.42 -32.51
CA GLY A 123 13.65 -10.39 -33.25
C GLY A 123 14.91 -9.93 -32.55
N HIS A 124 14.83 -9.80 -31.21
CA HIS A 124 15.96 -9.39 -30.36
C HIS A 124 17.05 -10.47 -30.30
N ALA A 125 16.66 -11.76 -30.16
CA ALA A 125 17.61 -12.87 -30.11
C ALA A 125 18.35 -13.10 -31.44
N ARG A 126 17.82 -12.55 -32.55
CA ARG A 126 18.49 -12.62 -33.86
C ARG A 126 19.81 -11.86 -33.86
N HIS A 127 20.06 -11.04 -32.81
CA HIS A 127 21.27 -10.22 -32.68
C HIS A 127 22.01 -10.40 -31.38
N CYS A 128 21.31 -10.90 -30.36
CA CYS A 128 21.84 -11.10 -29.02
C CYS A 128 21.74 -12.58 -28.63
N PRO A 129 22.82 -13.39 -28.85
CA PRO A 129 22.74 -14.82 -28.51
C PRO A 129 22.69 -15.08 -27.00
N ASP A 130 23.14 -14.14 -26.19
CA ASP A 130 23.15 -14.31 -24.74
C ASP A 130 22.13 -13.40 -24.08
N LEU A 131 21.01 -13.07 -24.75
CA LEU A 131 19.99 -12.23 -24.12
C LEU A 131 19.33 -12.95 -22.91
N CYS A 132 18.92 -12.16 -21.94
CA CYS A 132 18.16 -12.66 -20.78
C CYS A 132 16.89 -11.84 -20.69
N VAL A 133 15.85 -12.39 -20.06
CA VAL A 133 14.53 -11.77 -20.01
C VAL A 133 14.09 -11.54 -18.56
N VAL A 134 13.56 -10.37 -18.28
CA VAL A 134 12.93 -10.07 -16.99
C VAL A 134 11.46 -9.88 -17.38
N TRP A 135 10.59 -10.81 -16.95
CA TRP A 135 9.18 -10.78 -17.31
C TRP A 135 8.37 -10.30 -16.10
N VAL A 136 7.82 -9.09 -16.19
CA VAL A 136 7.08 -8.44 -15.09
C VAL A 136 5.62 -8.52 -15.44
N ASP A 137 4.86 -9.32 -14.67
CA ASP A 137 3.47 -9.61 -15.01
C ASP A 137 2.75 -10.30 -13.85
N ALA A 138 1.40 -10.25 -13.81
CA ALA A 138 0.62 -11.01 -12.83
C ALA A 138 0.60 -12.47 -13.27
N HIS A 139 0.89 -12.70 -14.58
CA HIS A 139 0.85 -14.01 -15.21
C HIS A 139 2.18 -14.52 -15.75
N ALA A 140 2.32 -15.87 -15.84
CA ALA A 140 3.55 -16.46 -16.38
C ALA A 140 3.53 -16.58 -17.91
N ASP A 141 2.34 -16.54 -18.55
CA ASP A 141 2.19 -16.61 -20.02
C ASP A 141 3.00 -17.77 -20.63
N ILE A 142 3.03 -18.90 -19.93
CA ILE A 142 3.86 -20.05 -20.27
C ILE A 142 3.03 -21.32 -20.52
N ASN A 143 1.70 -21.18 -20.65
CA ASN A 143 0.92 -22.35 -21.04
C ASN A 143 1.42 -22.76 -22.43
N THR A 144 1.38 -24.04 -22.74
CA THR A 144 1.71 -24.49 -24.09
C THR A 144 0.34 -24.54 -24.83
N PRO A 145 0.27 -24.73 -26.17
CA PRO A 145 -1.05 -24.89 -26.82
C PRO A 145 -1.85 -26.12 -26.38
N LEU A 146 -1.20 -27.05 -25.61
CA LEU A 146 -1.87 -28.25 -25.11
C LEU A 146 -2.35 -28.10 -23.66
N THR A 147 -1.80 -27.14 -22.90
CA THR A 147 -2.18 -26.94 -21.50
C THR A 147 -3.15 -25.78 -21.32
N THR A 148 -3.16 -24.83 -22.24
CA THR A 148 -4.10 -23.70 -22.17
C THR A 148 -5.55 -24.20 -21.99
N SER A 149 -6.33 -23.51 -21.12
CA SER A 149 -7.75 -23.75 -20.89
C SER A 149 -8.51 -22.75 -21.75
N SER A 150 -7.99 -21.51 -21.83
CA SER A 150 -8.65 -20.46 -22.62
C SER A 150 -8.42 -20.53 -24.13
N GLY A 151 -7.24 -20.98 -24.54
CA GLY A 151 -6.85 -21.03 -25.95
C GLY A 151 -6.34 -19.69 -26.48
N ASN A 152 -6.29 -18.65 -25.61
CA ASN A 152 -5.83 -17.30 -25.92
C ASN A 152 -4.32 -17.29 -25.94
N LEU A 153 -3.74 -16.87 -27.09
CA LEU A 153 -2.29 -16.96 -27.26
C LEU A 153 -1.47 -15.99 -26.41
N HIS A 154 -2.11 -14.96 -25.81
CA HIS A 154 -1.37 -14.05 -24.92
C HIS A 154 -0.98 -14.73 -23.57
N GLY A 155 -1.58 -15.88 -23.26
CA GLY A 155 -1.25 -16.64 -22.06
C GLY A 155 -0.31 -17.79 -22.33
N GLN A 156 0.29 -17.82 -23.55
CA GLN A 156 1.20 -18.86 -24.05
C GLN A 156 2.58 -18.40 -24.66
N PRO A 157 2.92 -17.09 -24.82
CA PRO A 157 4.14 -16.73 -25.57
C PRO A 157 5.45 -17.37 -25.16
N VAL A 158 5.71 -17.49 -23.85
CA VAL A 158 6.96 -18.07 -23.36
C VAL A 158 7.14 -19.54 -23.81
N SER A 159 6.05 -20.32 -24.00
CA SER A 159 6.17 -21.72 -24.41
C SER A 159 6.86 -21.90 -25.77
N PHE A 160 6.65 -20.96 -26.70
CA PHE A 160 7.25 -21.00 -28.03
C PHE A 160 8.72 -20.60 -28.04
N LEU A 161 9.13 -19.80 -27.05
CA LEU A 161 10.49 -19.24 -26.95
C LEU A 161 11.45 -20.09 -26.16
N LEU A 162 10.95 -20.87 -25.21
CA LEU A 162 11.77 -21.66 -24.32
C LEU A 162 12.31 -22.95 -24.93
N ARG A 163 13.64 -23.10 -24.98
CA ARG A 163 14.29 -24.29 -25.55
C ARG A 163 13.85 -25.62 -24.93
N GLU A 164 13.69 -25.64 -23.60
CA GLU A 164 13.34 -26.86 -22.83
C GLU A 164 11.93 -27.36 -23.12
N LEU A 165 11.07 -26.50 -23.69
CA LEU A 165 9.69 -26.84 -24.02
C LEU A 165 9.45 -27.24 -25.46
N GLN A 166 10.49 -27.22 -26.32
CA GLN A 166 10.35 -27.56 -27.74
C GLN A 166 9.57 -28.88 -27.98
N ASP A 167 9.87 -29.94 -27.21
CA ASP A 167 9.20 -31.24 -27.38
C ASP A 167 7.77 -31.31 -26.79
N LYS A 168 7.32 -30.25 -26.11
CA LYS A 168 5.99 -30.19 -25.52
C LYS A 168 5.04 -29.27 -26.32
N VAL A 169 5.55 -28.58 -27.34
CA VAL A 169 4.79 -27.59 -28.12
C VAL A 169 4.43 -28.12 -29.52
N PRO A 170 3.12 -28.27 -29.86
CA PRO A 170 2.78 -28.71 -31.23
C PRO A 170 2.99 -27.60 -32.26
N GLN A 171 3.03 -27.96 -33.55
CA GLN A 171 3.21 -26.99 -34.62
C GLN A 171 1.86 -26.36 -34.94
N LEU A 172 1.74 -25.06 -34.68
CA LEU A 172 0.51 -24.32 -34.91
C LEU A 172 0.59 -23.66 -36.29
N PRO A 173 -0.56 -23.47 -36.99
CA PRO A 173 -0.49 -22.77 -38.28
C PRO A 173 -0.01 -21.33 -38.11
N GLY A 174 0.95 -20.92 -38.93
CA GLY A 174 1.54 -19.59 -38.90
C GLY A 174 2.71 -19.42 -37.95
N PHE A 175 3.11 -20.50 -37.25
CA PHE A 175 4.15 -20.51 -36.23
C PHE A 175 5.43 -21.26 -36.59
N SER A 176 5.52 -21.79 -37.84
CA SER A 176 6.70 -22.57 -38.24
C SER A 176 8.01 -21.74 -38.28
N TRP A 177 7.92 -20.40 -38.39
CA TRP A 177 9.08 -19.49 -38.43
C TRP A 177 9.80 -19.32 -37.06
N ILE A 178 9.12 -19.64 -35.94
CA ILE A 178 9.70 -19.46 -34.59
C ILE A 178 10.72 -20.53 -34.28
N LYS A 179 11.85 -20.11 -33.74
CA LYS A 179 12.91 -20.99 -33.25
C LYS A 179 13.04 -20.68 -31.75
N PRO A 180 12.93 -21.66 -30.82
CA PRO A 180 13.16 -21.36 -29.39
C PRO A 180 14.53 -20.71 -29.24
N CYS A 181 14.61 -19.61 -28.47
CA CYS A 181 15.83 -18.82 -28.39
C CYS A 181 16.30 -18.48 -26.97
N ILE A 182 15.59 -18.95 -25.93
CA ILE A 182 15.91 -18.68 -24.53
C ILE A 182 15.86 -19.95 -23.72
N SER A 183 16.80 -20.08 -22.76
CA SER A 183 16.84 -21.24 -21.90
C SER A 183 16.11 -20.91 -20.59
N SER A 184 15.70 -21.93 -19.86
CA SER A 184 14.98 -21.81 -18.60
C SER A 184 15.73 -20.95 -17.55
N ALA A 185 17.09 -20.99 -17.52
CA ALA A 185 17.89 -20.17 -16.59
C ALA A 185 18.08 -18.71 -17.06
N SER A 186 17.53 -18.35 -18.24
CA SER A 186 17.70 -17.00 -18.80
C SER A 186 16.46 -16.10 -18.69
N ILE A 187 15.40 -16.59 -18.03
CA ILE A 187 14.20 -15.78 -17.81
C ILE A 187 13.83 -15.77 -16.33
N VAL A 188 13.57 -14.56 -15.79
CA VAL A 188 13.14 -14.37 -14.39
C VAL A 188 11.81 -13.63 -14.40
N TYR A 189 10.81 -14.20 -13.70
CA TYR A 189 9.50 -13.58 -13.55
C TYR A 189 9.43 -12.76 -12.26
N ILE A 190 8.72 -11.62 -12.30
CA ILE A 190 8.48 -10.80 -11.12
C ILE A 190 7.03 -10.41 -11.12
N GLY A 191 6.34 -10.59 -9.98
CA GLY A 191 4.96 -10.14 -9.80
C GLY A 191 3.86 -11.16 -9.96
N LEU A 192 4.20 -12.44 -10.13
CA LEU A 192 3.21 -13.50 -10.38
C LEU A 192 2.19 -13.63 -9.26
N ARG A 193 0.91 -13.80 -9.62
CA ARG A 193 -0.18 -13.98 -8.68
C ARG A 193 -1.39 -14.73 -9.28
N ASP A 194 -1.36 -15.09 -10.57
CA ASP A 194 -2.46 -15.84 -11.22
C ASP A 194 -1.85 -16.82 -12.23
N VAL A 195 -1.48 -17.99 -11.70
CA VAL A 195 -0.75 -19.03 -12.40
C VAL A 195 -1.63 -20.30 -12.50
N ASP A 196 -1.78 -20.82 -13.73
CA ASP A 196 -2.55 -22.06 -13.95
C ASP A 196 -1.76 -23.27 -13.42
N PRO A 197 -2.43 -24.36 -13.00
CA PRO A 197 -1.70 -25.55 -12.52
C PRO A 197 -0.62 -26.06 -13.50
N PRO A 198 -0.82 -26.18 -14.83
CA PRO A 198 0.29 -26.61 -15.70
C PRO A 198 1.47 -25.64 -15.72
N GLU A 199 1.17 -24.32 -15.62
CA GLU A 199 2.19 -23.27 -15.57
C GLU A 199 3.04 -23.41 -14.32
N HIS A 200 2.41 -23.68 -13.16
CA HIS A 200 3.13 -23.89 -11.90
C HIS A 200 4.06 -25.08 -12.06
N PHE A 201 3.56 -26.18 -12.67
CA PHE A 201 4.40 -27.34 -12.97
C PHE A 201 5.60 -26.99 -13.84
N ILE A 202 5.37 -26.25 -14.93
CA ILE A 202 6.42 -25.81 -15.85
C ILE A 202 7.51 -24.99 -15.09
N LEU A 203 7.08 -24.00 -14.29
CA LEU A 203 8.04 -23.18 -13.53
C LEU A 203 8.91 -24.03 -12.60
N LYS A 204 8.27 -24.88 -11.80
CA LYS A 204 8.96 -25.73 -10.82
C LYS A 204 9.82 -26.81 -11.47
N ASN A 205 9.22 -27.54 -12.40
CA ASN A 205 9.87 -28.66 -13.05
C ASN A 205 11.11 -28.28 -13.84
N TYR A 206 11.09 -27.12 -14.50
CA TYR A 206 12.19 -26.68 -15.33
C TYR A 206 13.12 -25.68 -14.64
N ASP A 207 12.91 -25.49 -13.34
CA ASP A 207 13.72 -24.59 -12.51
C ASP A 207 13.73 -23.15 -12.99
N ILE A 208 12.59 -22.65 -13.48
CA ILE A 208 12.50 -21.27 -13.93
C ILE A 208 12.28 -20.42 -12.68
N GLN A 209 13.19 -19.47 -12.46
CA GLN A 209 13.12 -18.63 -11.27
C GLN A 209 12.05 -17.57 -11.36
N TYR A 210 11.33 -17.40 -10.26
CA TYR A 210 10.28 -16.41 -10.23
C TYR A 210 10.19 -15.78 -8.86
N PHE A 211 9.71 -14.55 -8.83
CA PHE A 211 9.46 -13.81 -7.60
C PHE A 211 8.02 -13.42 -7.68
N SER A 212 7.15 -14.26 -7.08
CA SER A 212 5.71 -14.00 -7.06
C SER A 212 5.43 -12.83 -6.08
N MET A 213 4.17 -12.35 -6.04
CA MET A 213 3.78 -11.34 -5.06
C MET A 213 4.09 -11.80 -3.64
N ARG A 214 3.95 -13.12 -3.35
CA ARG A 214 4.29 -13.70 -2.05
C ARG A 214 5.80 -13.53 -1.78
N ASP A 215 6.67 -13.84 -2.77
CA ASP A 215 8.14 -13.64 -2.63
C ASP A 215 8.47 -12.16 -2.35
N ILE A 216 7.78 -11.22 -3.02
CA ILE A 216 8.00 -9.79 -2.83
C ILE A 216 7.59 -9.39 -1.40
N ASP A 217 6.45 -9.95 -0.91
CA ASP A 217 5.93 -9.70 0.45
C ASP A 217 6.96 -10.10 1.49
N ARG A 218 7.64 -11.24 1.28
CA ARG A 218 8.66 -11.79 2.18
C ARG A 218 10.01 -11.08 2.11
N LEU A 219 10.58 -11.00 0.88
CA LEU A 219 11.92 -10.45 0.63
C LEU A 219 11.99 -8.97 0.52
N GLY A 220 10.98 -8.38 -0.11
CA GLY A 220 10.98 -6.96 -0.43
C GLY A 220 11.56 -6.80 -1.83
N ILE A 221 11.17 -5.73 -2.52
CA ILE A 221 11.58 -5.51 -3.92
C ILE A 221 13.11 -5.30 -4.09
N GLN A 222 13.82 -4.79 -3.04
CA GLN A 222 15.27 -4.59 -3.16
C GLN A 222 15.97 -5.91 -3.34
N LYS A 223 15.72 -6.87 -2.43
CA LYS A 223 16.30 -8.22 -2.51
C LYS A 223 15.83 -8.95 -3.75
N VAL A 224 14.59 -8.73 -4.19
CA VAL A 224 14.06 -9.34 -5.42
C VAL A 224 14.89 -8.89 -6.63
N MET A 225 15.22 -7.59 -6.72
CA MET A 225 16.01 -7.07 -7.86
C MET A 225 17.44 -7.54 -7.82
N GLU A 226 18.04 -7.62 -6.61
CA GLU A 226 19.42 -8.14 -6.40
C GLU A 226 19.55 -9.60 -6.84
N ARG A 227 18.60 -10.45 -6.39
CA ARG A 227 18.60 -11.87 -6.72
C ARG A 227 18.33 -12.07 -8.21
N THR A 228 17.44 -11.26 -8.82
CA THR A 228 17.15 -11.32 -10.26
C THR A 228 18.45 -11.09 -11.07
N PHE A 229 19.23 -10.05 -10.70
CA PHE A 229 20.47 -9.72 -11.40
C PHE A 229 21.55 -10.73 -11.09
N ASP A 230 21.60 -11.27 -9.88
CA ASP A 230 22.55 -12.33 -9.54
C ASP A 230 22.33 -13.59 -10.39
N LEU A 231 21.05 -13.97 -10.60
CA LEU A 231 20.71 -15.14 -11.42
C LEU A 231 21.00 -14.89 -12.92
N LEU A 232 20.71 -13.69 -13.42
CA LEU A 232 20.88 -13.44 -14.83
C LEU A 232 22.25 -12.92 -15.26
N ILE A 233 22.76 -11.87 -14.61
CA ILE A 233 24.01 -11.20 -15.02
C ILE A 233 25.10 -11.27 -13.94
N GLY A 234 25.01 -12.27 -13.07
CA GLY A 234 25.95 -12.47 -11.99
C GLY A 234 27.32 -12.93 -12.44
N LYS A 235 27.35 -13.73 -13.53
CA LYS A 235 28.57 -14.30 -14.12
C LYS A 235 29.13 -13.47 -15.29
N ARG A 236 28.26 -12.82 -16.07
CA ARG A 236 28.69 -12.03 -17.23
C ARG A 236 27.63 -11.02 -17.61
N GLN A 237 28.05 -9.94 -18.28
CA GLN A 237 27.17 -8.89 -18.79
C GLN A 237 26.35 -9.51 -19.92
N ARG A 238 25.09 -9.13 -20.02
CA ARG A 238 24.19 -9.66 -21.05
C ARG A 238 23.17 -8.62 -21.39
N PRO A 239 22.71 -8.56 -22.66
CA PRO A 239 21.63 -7.61 -23.00
C PRO A 239 20.33 -8.06 -22.32
N ILE A 240 19.56 -7.11 -21.77
CA ILE A 240 18.34 -7.43 -21.04
C ILE A 240 17.12 -7.04 -21.85
N HIS A 241 16.17 -7.97 -21.94
CA HIS A 241 14.89 -7.76 -22.56
C HIS A 241 13.87 -7.66 -21.41
N LEU A 242 13.29 -6.48 -21.18
CA LEU A 242 12.29 -6.26 -20.14
C LEU A 242 10.90 -6.37 -20.76
N SER A 243 10.18 -7.44 -20.45
CA SER A 243 8.83 -7.62 -20.99
C SER A 243 7.87 -7.27 -19.85
N PHE A 244 7.30 -6.04 -19.93
CA PHE A 244 6.47 -5.50 -18.86
C PHE A 244 4.99 -5.44 -19.18
N ASP A 245 4.22 -6.31 -18.53
CA ASP A 245 2.77 -6.33 -18.68
C ASP A 245 2.23 -5.34 -17.61
N ILE A 246 1.45 -4.32 -18.04
CA ILE A 246 0.89 -3.31 -17.14
C ILE A 246 0.03 -3.95 -16.03
N ASP A 247 -0.54 -5.16 -16.27
CA ASP A 247 -1.35 -5.84 -15.26
C ASP A 247 -0.51 -6.39 -14.09
N ALA A 248 0.82 -6.21 -14.13
CA ALA A 248 1.71 -6.56 -12.99
C ALA A 248 1.36 -5.63 -11.80
N PHE A 249 0.96 -4.38 -12.11
CA PHE A 249 0.50 -3.39 -11.13
C PHE A 249 -0.86 -3.73 -10.58
N ASP A 250 -1.14 -3.26 -9.36
CA ASP A 250 -2.45 -3.46 -8.78
C ASP A 250 -3.54 -2.81 -9.68
N PRO A 251 -4.72 -3.47 -9.88
CA PRO A 251 -5.79 -2.87 -10.72
C PRO A 251 -6.25 -1.48 -10.29
N THR A 252 -5.98 -1.05 -9.03
CA THR A 252 -6.31 0.31 -8.55
C THR A 252 -5.39 1.33 -9.27
N LEU A 253 -4.17 0.92 -9.64
CA LEU A 253 -3.19 1.75 -10.34
C LEU A 253 -3.26 1.58 -11.86
N ALA A 254 -3.57 0.36 -12.33
CA ALA A 254 -3.68 0.05 -13.76
C ALA A 254 -5.04 -0.60 -14.10
N PRO A 255 -6.17 0.15 -14.00
CA PRO A 255 -7.48 -0.48 -14.26
C PRO A 255 -7.76 -0.87 -15.70
N ALA A 256 -7.23 -0.09 -16.66
CA ALA A 256 -7.47 -0.29 -18.09
C ALA A 256 -6.60 -1.42 -18.68
N THR A 257 -6.91 -2.68 -18.29
CA THR A 257 -6.24 -3.92 -18.71
C THR A 257 -7.29 -5.05 -18.75
N GLY A 258 -7.08 -6.04 -19.60
CA GLY A 258 -8.04 -7.12 -19.82
C GLY A 258 -8.15 -8.19 -18.75
N THR A 259 -7.04 -8.48 -18.06
CA THR A 259 -7.06 -9.54 -17.04
C THR A 259 -6.51 -8.97 -15.71
N PRO A 260 -7.24 -8.04 -15.04
CA PRO A 260 -6.73 -7.51 -13.78
C PRO A 260 -6.81 -8.55 -12.66
N VAL A 261 -5.79 -8.56 -11.81
CA VAL A 261 -5.70 -9.46 -10.67
C VAL A 261 -5.33 -8.59 -9.47
N VAL A 262 -6.18 -8.58 -8.44
CA VAL A 262 -5.97 -7.80 -7.21
C VAL A 262 -4.67 -8.23 -6.50
N GLY A 263 -4.05 -7.30 -5.78
CA GLY A 263 -2.85 -7.55 -4.98
C GLY A 263 -1.57 -7.49 -5.78
N GLY A 264 -1.51 -6.51 -6.68
CA GLY A 264 -0.36 -6.28 -7.56
C GLY A 264 0.71 -5.39 -6.99
N LEU A 265 1.69 -5.05 -7.83
CA LEU A 265 2.79 -4.15 -7.48
C LEU A 265 2.26 -2.77 -7.15
N THR A 266 2.96 -2.08 -6.26
CA THR A 266 2.61 -0.68 -5.98
C THR A 266 3.33 0.17 -7.04
N TYR A 267 2.97 1.46 -7.12
CA TYR A 267 3.61 2.39 -8.03
C TYR A 267 5.11 2.42 -7.71
N ARG A 268 5.43 2.47 -6.40
CA ARG A 268 6.80 2.50 -5.89
C ARG A 268 7.61 1.25 -6.28
N GLU A 269 7.02 0.05 -6.16
CA GLU A 269 7.71 -1.20 -6.54
C GLU A 269 7.95 -1.25 -8.04
N GLY A 270 6.98 -0.81 -8.82
CA GLY A 270 7.04 -0.75 -10.28
C GLY A 270 8.15 0.15 -10.76
N MET A 271 8.26 1.35 -10.16
CA MET A 271 9.32 2.30 -10.48
C MET A 271 10.65 1.76 -10.03
N TYR A 272 10.68 1.04 -8.90
CA TYR A 272 11.91 0.45 -8.40
C TYR A 272 12.49 -0.59 -9.38
N ILE A 273 11.61 -1.47 -9.91
CA ILE A 273 12.00 -2.50 -10.89
C ILE A 273 12.64 -1.78 -12.11
N ALA A 274 11.90 -0.79 -12.68
CA ALA A 274 12.32 0.00 -13.83
C ALA A 274 13.67 0.73 -13.61
N GLU A 275 13.87 1.32 -12.40
CA GLU A 275 15.11 2.02 -12.02
C GLU A 275 16.30 1.07 -11.92
N GLU A 276 16.08 -0.11 -11.32
CA GLU A 276 17.15 -1.10 -11.19
C GLU A 276 17.60 -1.66 -12.54
N ILE A 277 16.66 -1.80 -13.49
CA ILE A 277 16.94 -2.26 -14.86
C ILE A 277 17.81 -1.18 -15.54
N HIS A 278 17.44 0.11 -15.40
CA HIS A 278 18.24 1.22 -15.94
C HIS A 278 19.66 1.20 -15.37
N ASN A 279 19.81 1.02 -14.05
CA ASN A 279 21.11 1.00 -13.35
C ASN A 279 22.08 -0.08 -13.81
N THR A 280 21.59 -1.18 -14.44
CA THR A 280 22.49 -2.22 -14.98
C THR A 280 23.24 -1.64 -16.20
N GLY A 281 22.55 -0.79 -16.95
CA GLY A 281 23.03 -0.17 -18.17
C GLY A 281 23.04 -1.18 -19.31
N LEU A 282 22.33 -2.30 -19.11
CA LEU A 282 22.26 -3.45 -20.01
C LEU A 282 20.91 -3.60 -20.68
N LEU A 283 19.99 -2.66 -20.46
CA LEU A 283 18.68 -2.70 -21.11
C LEU A 283 18.83 -2.58 -22.62
N SER A 284 18.27 -3.56 -23.35
CA SER A 284 18.39 -3.66 -24.79
C SER A 284 17.06 -3.58 -25.52
N ALA A 285 15.97 -3.99 -24.83
CA ALA A 285 14.61 -3.95 -25.36
C ALA A 285 13.58 -3.97 -24.24
N LEU A 286 12.44 -3.33 -24.47
CA LEU A 286 11.36 -3.21 -23.53
C LEU A 286 10.06 -3.38 -24.22
N ASP A 287 9.19 -4.23 -23.68
CA ASP A 287 7.81 -4.40 -24.13
C ASP A 287 6.94 -3.78 -23.04
N LEU A 288 5.92 -2.98 -23.40
CA LEU A 288 4.96 -2.41 -22.47
C LEU A 288 3.63 -2.76 -23.06
N VAL A 289 3.03 -3.82 -22.54
CA VAL A 289 1.81 -4.38 -23.10
C VAL A 289 0.59 -4.35 -22.19
N GLU A 290 -0.55 -4.73 -22.79
CA GLU A 290 -1.85 -4.96 -22.19
C GLU A 290 -2.58 -3.69 -21.70
N VAL A 291 -2.15 -2.50 -22.14
CA VAL A 291 -2.91 -1.28 -21.84
C VAL A 291 -4.13 -1.29 -22.80
N ASN A 292 -5.33 -1.45 -22.23
CA ASN A 292 -6.60 -1.47 -22.97
C ASN A 292 -7.46 -0.28 -22.47
N PRO A 293 -7.33 0.91 -23.12
CA PRO A 293 -8.09 2.09 -22.66
C PRO A 293 -9.62 1.97 -22.69
N GLN A 294 -10.19 1.12 -23.57
CA GLN A 294 -11.64 0.92 -23.69
C GLN A 294 -12.27 0.21 -22.47
N LEU A 295 -11.45 -0.49 -21.65
CA LEU A 295 -11.93 -1.24 -20.49
C LEU A 295 -12.00 -0.42 -19.19
N ALA A 296 -11.43 0.79 -19.20
CA ALA A 296 -11.49 1.69 -18.05
C ALA A 296 -12.93 2.20 -17.90
N THR A 297 -13.40 2.42 -16.66
CA THR A 297 -14.78 2.87 -16.40
C THR A 297 -14.98 4.36 -16.74
N SER A 298 -13.86 5.11 -16.87
CA SER A 298 -13.84 6.54 -17.17
C SER A 298 -12.59 6.91 -18.01
N GLU A 299 -12.53 8.16 -18.51
CA GLU A 299 -11.40 8.68 -19.28
C GLU A 299 -10.18 8.86 -18.37
N GLU A 300 -10.42 9.20 -17.09
CA GLU A 300 -9.34 9.40 -16.12
C GLU A 300 -8.63 8.09 -15.76
N GLU A 301 -9.36 6.96 -15.76
CA GLU A 301 -8.80 5.62 -15.48
C GLU A 301 -7.96 5.14 -16.67
N ALA A 302 -8.38 5.49 -17.91
CA ALA A 302 -7.68 5.21 -19.16
C ALA A 302 -6.37 6.01 -19.17
N LYS A 303 -6.46 7.31 -18.78
CA LYS A 303 -5.32 8.23 -18.68
C LYS A 303 -4.36 7.81 -17.58
N THR A 304 -4.88 7.40 -16.40
CA THR A 304 -4.05 6.94 -15.27
C THR A 304 -3.18 5.76 -15.71
N THR A 305 -3.81 4.74 -16.36
CA THR A 305 -3.14 3.55 -16.88
C THR A 305 -2.05 3.93 -17.88
N ALA A 306 -2.41 4.78 -18.88
CA ALA A 306 -1.51 5.28 -19.92
C ALA A 306 -0.32 6.04 -19.31
N ASN A 307 -0.56 6.92 -18.31
CA ASN A 307 0.49 7.69 -17.63
C ASN A 307 1.44 6.79 -16.86
N LEU A 308 0.90 5.72 -16.28
CA LEU A 308 1.70 4.73 -15.53
C LEU A 308 2.62 4.00 -16.53
N ALA A 309 2.10 3.64 -17.72
CA ALA A 309 2.88 2.99 -18.80
C ALA A 309 4.08 3.90 -19.19
N VAL A 310 3.85 5.23 -19.32
CA VAL A 310 4.87 6.24 -19.64
C VAL A 310 5.92 6.31 -18.52
N ASP A 311 5.48 6.25 -17.25
CA ASP A 311 6.41 6.30 -16.11
C ASP A 311 7.34 5.07 -16.08
N VAL A 312 6.83 3.88 -16.45
CA VAL A 312 7.66 2.66 -16.47
C VAL A 312 8.77 2.80 -17.53
N ILE A 313 8.37 3.19 -18.73
CA ILE A 313 9.29 3.35 -19.86
C ILE A 313 10.35 4.43 -19.54
N ALA A 314 9.88 5.61 -19.08
CA ALA A 314 10.75 6.72 -18.68
C ALA A 314 11.72 6.29 -17.60
N SER A 315 11.27 5.55 -16.55
CA SER A 315 12.16 5.06 -15.50
C SER A 315 13.15 4.03 -16.00
N SER A 316 12.76 3.24 -17.02
CA SER A 316 13.66 2.24 -17.61
C SER A 316 14.81 2.91 -18.39
N PHE A 317 14.61 4.21 -18.78
CA PHE A 317 15.62 4.97 -19.51
C PHE A 317 16.20 6.18 -18.72
N GLY A 318 16.14 6.11 -17.38
CA GLY A 318 16.76 7.10 -16.54
C GLY A 318 15.93 8.02 -15.67
N GLN A 319 14.58 8.03 -15.81
CA GLN A 319 13.78 8.89 -14.93
C GLN A 319 13.89 8.35 -13.49
N THR A 320 14.17 9.23 -12.53
CA THR A 320 14.37 8.78 -11.17
C THR A 320 13.50 9.59 -10.18
N ARG A 321 13.35 9.04 -8.96
CA ARG A 321 12.58 9.65 -7.88
C ARG A 321 13.43 10.76 -7.24
N GLU A 322 14.78 10.60 -7.20
CA GLU A 322 15.74 11.56 -6.62
C GLU A 322 16.08 12.78 -7.53
N GLY A 323 15.54 12.79 -8.76
CA GLY A 323 15.72 13.86 -9.75
C GLY A 323 17.14 14.19 -10.17
N GLY A 324 17.95 13.15 -10.41
CA GLY A 324 19.35 13.28 -10.82
C GLY A 324 19.64 12.97 -12.28
N HIS A 325 18.62 13.02 -13.15
CA HIS A 325 18.75 12.75 -14.58
C HIS A 325 19.43 13.91 -15.31
N ILE A 326 18.86 15.14 -15.22
CA ILE A 326 19.43 16.35 -15.83
C ILE A 326 20.60 16.82 -14.95
N VAL A 327 21.84 16.63 -15.45
CA VAL A 327 23.08 16.95 -14.73
C VAL A 327 23.29 18.48 -14.65
N TYR A 328 23.43 18.98 -13.41
CA TYR A 328 23.70 20.38 -13.08
C TYR A 328 25.19 20.49 -12.76
N ASP A 329 25.86 21.52 -13.29
CA ASP A 329 27.30 21.70 -13.10
C ASP A 329 27.66 22.87 -12.18
N GLN A 330 26.95 24.02 -12.30
CA GLN A 330 27.23 25.22 -11.50
C GLN A 330 25.97 25.95 -11.02
N LEU A 331 26.00 26.40 -9.74
CA LEU A 331 24.92 27.19 -9.13
C LEU A 331 25.25 28.69 -9.28
N PRO A 332 24.30 29.53 -9.76
CA PRO A 332 24.61 30.97 -9.90
C PRO A 332 24.86 31.71 -8.58
N THR A 333 25.92 32.53 -8.55
CA THR A 333 26.35 33.32 -7.37
C THR A 333 25.79 34.76 -7.44
N PRO A 334 25.54 35.43 -6.29
CA PRO A 334 25.01 36.81 -6.36
C PRO A 334 26.08 37.83 -6.74
N ASN B 11 -10.85 11.11 31.43
CA ASN B 11 -9.57 10.44 31.70
C ASN B 11 -8.65 11.33 32.53
N LEU B 12 -8.02 10.77 33.56
CA LEU B 12 -7.17 11.55 34.48
C LEU B 12 -5.71 11.16 34.46
N TYR B 13 -5.37 10.02 33.80
CA TYR B 13 -4.01 9.49 33.77
C TYR B 13 -3.54 9.29 32.33
N PHE B 14 -2.30 9.71 32.07
CA PHE B 14 -1.69 9.67 30.74
C PHE B 14 -0.25 9.22 30.84
N GLN B 15 0.30 8.57 29.78
CA GLN B 15 1.68 8.10 29.78
C GLN B 15 2.65 9.27 29.84
N SER B 16 2.27 10.39 29.24
CA SER B 16 3.04 11.63 29.26
C SER B 16 2.14 12.85 29.09
N VAL B 17 2.57 13.96 29.65
CA VAL B 17 1.86 15.22 29.61
C VAL B 17 2.78 16.20 28.87
N HIS B 18 2.26 16.81 27.80
CA HIS B 18 3.00 17.77 27.00
C HIS B 18 2.34 19.14 27.02
N SER B 19 3.15 20.21 27.02
CA SER B 19 2.68 21.59 26.93
C SER B 19 2.77 21.92 25.42
N VAL B 20 1.61 22.14 24.76
CA VAL B 20 1.54 22.34 23.31
C VAL B 20 0.76 23.62 22.93
N ALA B 21 1.32 24.42 21.99
CA ALA B 21 0.73 25.65 21.46
C ALA B 21 0.31 25.50 19.98
N VAL B 22 -0.90 25.96 19.64
CA VAL B 22 -1.45 25.86 18.28
C VAL B 22 -1.59 27.26 17.62
N ILE B 23 -0.94 27.44 16.44
CA ILE B 23 -0.95 28.68 15.65
C ILE B 23 -1.60 28.44 14.28
N GLY B 24 -2.54 29.28 13.91
CA GLY B 24 -3.21 29.22 12.61
C GLY B 24 -2.63 30.25 11.64
N ALA B 25 -1.54 29.89 10.93
CA ALA B 25 -0.87 30.76 9.95
C ALA B 25 -1.42 30.48 8.53
N PRO B 26 -2.37 31.31 8.01
CA PRO B 26 -2.95 31.01 6.70
C PRO B 26 -2.23 31.68 5.50
N PHE B 27 -0.91 31.44 5.37
CA PHE B 27 -0.07 31.94 4.27
C PHE B 27 -0.63 31.51 2.92
N SER B 28 -0.54 32.39 1.91
CA SER B 28 -1.02 32.13 0.55
C SER B 28 -0.14 32.84 -0.49
N GLN B 29 0.66 33.82 -0.04
CA GLN B 29 1.57 34.61 -0.88
C GLN B 29 2.91 33.88 -1.18
N GLY B 30 3.10 32.71 -0.57
CA GLY B 30 4.28 31.87 -0.77
C GLY B 30 4.24 31.10 -2.07
N GLN B 31 3.03 30.97 -2.65
CA GLN B 31 2.73 30.30 -3.92
C GLN B 31 1.63 31.06 -4.70
N LYS B 32 1.08 30.48 -5.79
CA LYS B 32 0.07 31.16 -6.62
C LYS B 32 -1.33 30.52 -6.60
N ARG B 33 -1.45 29.25 -6.16
CA ARG B 33 -2.72 28.53 -6.09
C ARG B 33 -3.53 28.91 -4.84
N LYS B 34 -4.70 29.55 -5.04
CA LYS B 34 -5.57 29.98 -3.93
C LYS B 34 -6.38 28.82 -3.34
N GLY B 35 -6.69 28.93 -2.05
CA GLY B 35 -7.46 27.93 -1.31
C GLY B 35 -6.73 27.30 -0.14
N VAL B 36 -5.39 27.51 -0.07
CA VAL B 36 -4.50 26.99 0.97
C VAL B 36 -4.66 27.78 2.30
N GLU B 37 -5.32 28.96 2.25
CA GLU B 37 -5.60 29.80 3.42
C GLU B 37 -6.68 29.20 4.32
N HIS B 38 -7.56 28.35 3.74
CA HIS B 38 -8.64 27.66 4.43
C HIS B 38 -8.14 26.35 5.11
N GLY B 39 -6.82 26.18 5.15
CA GLY B 39 -6.13 25.05 5.74
C GLY B 39 -6.25 24.94 7.26
N PRO B 40 -5.85 25.97 8.06
CA PRO B 40 -5.99 25.86 9.52
C PRO B 40 -7.45 25.72 9.97
N ALA B 41 -8.38 26.32 9.21
CA ALA B 41 -9.83 26.24 9.45
C ALA B 41 -10.33 24.80 9.28
N ALA B 42 -9.96 24.12 8.17
CA ALA B 42 -10.35 22.74 7.86
C ALA B 42 -9.81 21.71 8.85
N ILE B 43 -8.57 21.93 9.36
CA ILE B 43 -7.89 21.11 10.36
C ILE B 43 -8.65 21.20 11.70
N ARG B 44 -9.01 22.43 12.13
CA ARG B 44 -9.76 22.70 13.36
C ARG B 44 -11.17 22.07 13.28
N GLU B 45 -11.87 22.26 12.13
CA GLU B 45 -13.21 21.70 11.87
C GLU B 45 -13.23 20.16 11.92
N ALA B 46 -12.06 19.52 11.68
CA ALA B 46 -11.89 18.07 11.75
C ALA B 46 -11.89 17.61 13.22
N GLY B 47 -11.40 18.48 14.12
CA GLY B 47 -11.37 18.26 15.57
C GLY B 47 -10.01 18.16 16.23
N LEU B 48 -9.03 19.00 15.81
CA LEU B 48 -7.67 18.98 16.35
C LEU B 48 -7.58 19.26 17.86
N MET B 49 -8.18 20.40 18.32
CA MET B 49 -8.12 20.82 19.73
C MET B 49 -8.64 19.75 20.70
N LYS B 50 -9.80 19.16 20.39
CA LYS B 50 -10.45 18.06 21.13
C LYS B 50 -9.50 16.86 21.23
N ARG B 51 -8.80 16.53 20.12
CA ARG B 51 -7.84 15.43 20.04
C ARG B 51 -6.61 15.65 20.92
N LEU B 52 -5.99 16.85 20.87
CA LEU B 52 -4.83 17.09 21.72
C LEU B 52 -5.20 17.08 23.22
N SER B 53 -6.44 17.52 23.58
CA SER B 53 -6.97 17.52 24.94
C SER B 53 -7.05 16.07 25.43
N SER B 54 -7.64 15.16 24.60
CA SER B 54 -7.75 13.72 24.91
C SER B 54 -6.39 13.04 25.16
N LEU B 55 -5.28 13.66 24.73
CA LEU B 55 -3.93 13.13 24.96
C LEU B 55 -3.29 13.70 26.23
N GLY B 56 -4.05 14.49 27.00
CA GLY B 56 -3.59 15.08 28.25
C GLY B 56 -2.64 16.24 28.08
N CYS B 57 -2.75 16.96 26.94
CA CYS B 57 -1.89 18.11 26.62
C CYS B 57 -2.38 19.38 27.32
N HIS B 58 -1.43 20.14 27.92
CA HIS B 58 -1.68 21.47 28.46
C HIS B 58 -1.72 22.37 27.22
N LEU B 59 -2.92 22.74 26.74
CA LEU B 59 -3.08 23.53 25.52
C LEU B 59 -3.06 25.05 25.69
N LYS B 60 -2.39 25.74 24.75
CA LYS B 60 -2.28 27.19 24.66
C LYS B 60 -2.54 27.63 23.21
N ASP B 61 -3.82 27.86 22.86
CA ASP B 61 -4.22 28.27 21.51
C ASP B 61 -3.91 29.76 21.25
N PHE B 62 -3.07 30.04 20.24
CA PHE B 62 -2.69 31.40 19.82
C PHE B 62 -3.66 31.94 18.74
N GLY B 63 -4.57 31.09 18.28
CA GLY B 63 -5.59 31.41 17.28
C GLY B 63 -5.07 31.64 15.87
N ASP B 64 -6.01 31.87 14.93
CA ASP B 64 -5.69 32.14 13.53
C ASP B 64 -5.10 33.55 13.35
N LEU B 65 -3.76 33.64 13.13
CA LEU B 65 -3.01 34.89 12.96
C LEU B 65 -3.47 35.71 11.76
N SER B 66 -3.52 37.04 11.93
CA SER B 66 -3.92 37.98 10.88
C SER B 66 -2.72 38.49 10.11
N PHE B 67 -2.77 38.37 8.77
CA PHE B 67 -1.71 38.82 7.87
C PHE B 67 -2.23 39.88 6.90
N THR B 68 -1.52 41.02 6.83
CA THR B 68 -1.86 42.15 5.95
C THR B 68 -0.88 42.25 4.78
N PRO B 69 -1.36 42.32 3.51
CA PRO B 69 -0.43 42.39 2.38
C PRO B 69 0.15 43.79 2.17
N VAL B 70 1.44 43.86 1.80
CA VAL B 70 2.16 45.11 1.52
C VAL B 70 1.63 45.67 0.18
N PRO B 71 1.19 46.97 0.12
CA PRO B 71 0.65 47.50 -1.15
C PRO B 71 1.69 47.59 -2.28
N LYS B 72 2.90 48.11 -1.98
CA LYS B 72 4.00 48.23 -2.93
C LYS B 72 4.98 47.08 -2.72
N ASP B 73 4.72 45.95 -3.38
CA ASP B 73 5.52 44.72 -3.29
C ASP B 73 5.93 44.23 -4.69
N ASP B 74 7.00 44.83 -5.23
CA ASP B 74 7.55 44.49 -6.55
C ASP B 74 8.47 43.27 -6.43
N LEU B 75 8.29 42.29 -7.34
CA LEU B 75 9.04 41.02 -7.34
C LEU B 75 10.53 41.20 -7.67
N TYR B 76 11.39 40.52 -6.90
CA TYR B 76 12.85 40.55 -6.98
C TYR B 76 13.39 39.73 -8.17
N ASN B 77 14.30 40.34 -8.95
CA ASN B 77 14.97 39.79 -10.15
C ASN B 77 13.99 39.21 -11.20
N ASN B 78 12.76 39.79 -11.26
CA ASN B 78 11.66 39.41 -12.16
C ASN B 78 11.31 37.91 -12.10
N LEU B 79 11.21 37.37 -10.87
CA LEU B 79 10.87 35.96 -10.62
C LEU B 79 10.19 35.76 -9.26
N ILE B 80 10.90 36.08 -8.14
CA ILE B 80 10.45 35.94 -6.74
C ILE B 80 9.19 36.78 -6.46
N VAL B 81 8.01 36.21 -6.74
CA VAL B 81 6.69 36.84 -6.55
C VAL B 81 6.37 37.02 -5.05
N ASN B 82 5.98 38.27 -4.66
CA ASN B 82 5.65 38.73 -3.30
C ASN B 82 6.80 38.47 -2.28
N PRO B 83 8.02 39.04 -2.45
CA PRO B 83 9.09 38.74 -1.48
C PRO B 83 9.01 39.48 -0.15
N ARG B 84 8.50 40.74 -0.14
CA ARG B 84 8.38 41.56 1.06
C ARG B 84 7.36 41.00 2.06
N SER B 85 6.17 40.60 1.57
CA SER B 85 5.08 40.03 2.37
C SER B 85 5.44 38.73 3.09
N VAL B 86 6.24 37.86 2.44
CA VAL B 86 6.67 36.57 2.97
C VAL B 86 7.73 36.76 4.08
N GLY B 87 8.78 37.52 3.78
CA GLY B 87 9.88 37.80 4.70
C GLY B 87 9.52 38.59 5.94
N LEU B 88 8.52 39.49 5.83
CA LEU B 88 8.02 40.34 6.92
C LEU B 88 7.22 39.46 7.90
N ALA B 89 6.29 38.64 7.37
CA ALA B 89 5.45 37.72 8.12
C ALA B 89 6.24 36.65 8.88
N ASN B 90 7.36 36.18 8.31
CA ASN B 90 8.22 35.17 8.92
C ASN B 90 9.08 35.70 10.08
N GLN B 91 9.43 37.01 10.08
CA GLN B 91 10.23 37.66 11.14
C GLN B 91 9.43 37.69 12.45
N GLU B 92 8.11 37.86 12.30
CA GLU B 92 7.13 37.97 13.36
C GLU B 92 6.67 36.61 13.86
N LEU B 93 6.44 35.66 12.91
CA LEU B 93 6.05 34.28 13.20
C LEU B 93 7.17 33.62 14.00
N ALA B 94 8.45 34.02 13.74
CA ALA B 94 9.65 33.55 14.43
C ALA B 94 9.62 33.97 15.90
N GLU B 95 9.16 35.22 16.18
CA GLU B 95 9.06 35.76 17.53
C GLU B 95 8.04 35.00 18.38
N VAL B 96 6.83 34.76 17.84
CA VAL B 96 5.73 34.01 18.46
C VAL B 96 6.20 32.57 18.78
N VAL B 97 6.97 31.95 17.86
CA VAL B 97 7.53 30.60 18.05
C VAL B 97 8.66 30.63 19.10
N SER B 98 9.49 31.69 19.12
CA SER B 98 10.57 31.86 20.10
C SER B 98 10.01 32.11 21.51
N ARG B 99 8.81 32.73 21.58
CA ARG B 99 8.10 33.05 22.83
C ARG B 99 7.75 31.73 23.54
N ALA B 100 7.01 30.85 22.81
CA ALA B 100 6.56 29.52 23.25
C ALA B 100 7.73 28.61 23.69
N VAL B 101 8.84 28.60 22.92
CA VAL B 101 10.03 27.77 23.24
C VAL B 101 10.64 28.19 24.58
N SER B 102 10.85 29.51 24.79
CA SER B 102 11.38 30.09 26.03
C SER B 102 10.44 29.80 27.21
N ASP B 103 9.11 29.81 26.96
CA ASP B 103 8.06 29.49 27.93
C ASP B 103 8.13 28.02 28.39
N GLY B 104 8.62 27.15 27.50
CA GLY B 104 8.77 25.71 27.73
C GLY B 104 7.76 24.86 26.99
N TYR B 105 7.08 25.46 25.97
CA TYR B 105 6.05 24.86 25.13
C TYR B 105 6.56 24.26 23.80
N SER B 106 5.74 23.38 23.19
CA SER B 106 5.98 22.73 21.89
C SER B 106 5.03 23.38 20.90
N CYS B 107 5.59 24.14 19.95
CA CYS B 107 4.79 24.88 18.98
C CYS B 107 4.31 24.04 17.80
N VAL B 108 3.05 24.22 17.38
CA VAL B 108 2.37 23.54 16.28
C VAL B 108 1.69 24.59 15.38
N THR B 109 2.19 24.72 14.14
CA THR B 109 1.72 25.70 13.17
C THR B 109 0.90 25.06 12.03
N LEU B 110 -0.36 25.50 11.87
CA LEU B 110 -1.23 24.99 10.82
C LEU B 110 -1.23 25.91 9.58
N GLY B 111 -0.86 25.32 8.42
CA GLY B 111 -0.80 26.04 7.16
C GLY B 111 -2.08 25.99 6.33
N GLY B 112 -2.14 26.72 5.20
CA GLY B 112 -1.06 27.55 4.66
C GLY B 112 -0.01 26.76 3.89
N ASP B 113 0.87 27.48 3.15
CA ASP B 113 1.94 26.84 2.38
C ASP B 113 3.24 26.76 3.17
N HIS B 114 4.23 25.97 2.68
CA HIS B 114 5.51 25.70 3.34
C HIS B 114 6.49 26.89 3.48
N SER B 115 6.11 28.10 2.99
CA SER B 115 6.98 29.28 3.14
C SER B 115 7.17 29.69 4.62
N LEU B 116 6.17 29.41 5.50
CA LEU B 116 6.17 29.72 6.93
C LEU B 116 7.29 29.03 7.76
N ALA B 117 8.02 28.08 7.15
CA ALA B 117 9.09 27.33 7.80
C ALA B 117 10.36 28.13 8.11
N ILE B 118 10.58 29.25 7.40
CA ILE B 118 11.75 30.13 7.61
C ILE B 118 11.68 30.71 9.04
N GLY B 119 10.50 31.20 9.41
CA GLY B 119 10.23 31.76 10.74
C GLY B 119 10.34 30.76 11.87
N THR B 120 9.54 29.67 11.81
CA THR B 120 9.46 28.60 12.82
C THR B 120 10.84 28.01 13.17
N ILE B 121 11.70 27.77 12.17
CA ILE B 121 13.03 27.20 12.40
C ILE B 121 13.98 28.29 12.98
N SER B 122 13.85 29.55 12.54
CA SER B 122 14.69 30.65 13.05
C SER B 122 14.37 31.00 14.50
N GLY B 123 13.08 31.13 14.82
CA GLY B 123 12.58 31.41 16.16
C GLY B 123 12.95 30.32 17.16
N HIS B 124 12.86 29.06 16.73
CA HIS B 124 13.20 27.86 17.48
C HIS B 124 14.70 27.86 17.86
N ALA B 125 15.57 28.22 16.89
CA ALA B 125 17.03 28.31 17.04
C ALA B 125 17.47 29.41 18.02
N ARG B 126 16.63 30.48 18.19
CA ARG B 126 16.86 31.58 19.12
C ARG B 126 16.86 31.05 20.56
N HIS B 127 15.72 30.46 20.97
C HIS B 127 17.17 28.05 22.52
N CYS B 128 17.19 27.13 21.55
CA CYS B 128 18.27 26.13 21.49
C CYS B 128 19.04 26.22 20.17
N PRO B 129 20.35 26.58 20.19
CA PRO B 129 21.12 26.64 18.93
C PRO B 129 21.57 25.25 18.43
N ASP B 130 21.51 24.21 19.29
CA ASP B 130 21.93 22.85 18.96
C ASP B 130 20.76 21.96 18.50
N LEU B 131 19.72 22.57 17.90
CA LEU B 131 18.56 21.85 17.40
C LEU B 131 18.88 21.05 16.11
N CYS B 132 17.95 20.17 15.68
CA CYS B 132 18.05 19.37 14.46
C CYS B 132 16.66 19.26 13.80
N VAL B 133 16.61 19.36 12.46
CA VAL B 133 15.36 19.38 11.66
C VAL B 133 15.09 18.03 10.94
N VAL B 134 13.79 17.66 10.83
CA VAL B 134 13.27 16.50 10.09
C VAL B 134 12.25 17.08 9.11
N TRP B 135 12.60 17.06 7.82
CA TRP B 135 11.78 17.62 6.75
C TRP B 135 11.06 16.52 5.97
N VAL B 136 9.75 16.35 6.23
CA VAL B 136 8.93 15.33 5.60
C VAL B 136 8.13 15.98 4.49
N ASP B 137 8.49 15.66 3.24
CA ASP B 137 7.94 16.29 2.03
C ASP B 137 8.25 15.46 0.78
N ALA B 138 7.40 15.60 -0.24
CA ALA B 138 7.60 15.05 -1.57
C ALA B 138 8.67 15.91 -2.24
N HIS B 139 8.83 17.17 -1.75
CA HIS B 139 9.74 18.20 -2.26
C HIS B 139 10.90 18.55 -1.31
N ALA B 140 12.05 18.99 -1.85
CA ALA B 140 13.22 19.32 -1.01
C ALA B 140 13.24 20.78 -0.54
N ASP B 141 12.36 21.63 -1.12
CA ASP B 141 12.21 23.06 -0.80
C ASP B 141 13.57 23.77 -0.51
N ILE B 142 14.64 23.42 -1.28
CA ILE B 142 16.00 23.91 -1.07
C ILE B 142 16.56 24.71 -2.30
N ASN B 143 15.67 25.26 -3.12
CA ASN B 143 16.09 26.09 -4.25
C ASN B 143 16.57 27.43 -3.69
N THR B 144 17.59 28.04 -4.31
CA THR B 144 18.06 29.35 -3.89
C THR B 144 17.23 30.37 -4.69
N PRO B 145 17.17 31.68 -4.32
CA PRO B 145 16.37 32.62 -5.14
C PRO B 145 16.79 32.73 -6.62
N LEU B 146 17.99 32.25 -6.94
CA LEU B 146 18.54 32.26 -8.30
C LEU B 146 18.41 30.92 -9.04
N THR B 147 18.37 29.77 -8.30
CA THR B 147 18.23 28.44 -8.91
C THR B 147 16.76 28.08 -9.21
N THR B 148 15.80 28.70 -8.51
CA THR B 148 14.36 28.46 -8.67
C THR B 148 13.86 28.84 -10.07
N SER B 149 12.73 28.25 -10.50
CA SER B 149 12.13 28.48 -11.82
C SER B 149 10.68 28.95 -11.77
N SER B 150 9.95 28.60 -10.69
CA SER B 150 8.53 28.95 -10.52
C SER B 150 8.29 30.37 -9.99
N GLY B 151 9.20 30.85 -9.13
CA GLY B 151 9.10 32.15 -8.49
C GLY B 151 8.45 32.08 -7.12
N ASN B 152 7.83 30.93 -6.78
CA ASN B 152 7.16 30.67 -5.51
C ASN B 152 8.19 30.37 -4.42
N LEU B 153 8.06 31.07 -3.26
CA LEU B 153 8.99 30.95 -2.13
C LEU B 153 8.84 29.68 -1.27
N HIS B 154 7.71 28.94 -1.44
CA HIS B 154 7.47 27.70 -0.69
C HIS B 154 8.44 26.56 -1.06
N GLY B 155 9.11 26.72 -2.21
CA GLY B 155 10.12 25.77 -2.69
C GLY B 155 11.55 26.20 -2.41
N GLN B 156 11.72 27.23 -1.56
CA GLN B 156 13.03 27.82 -1.20
C GLN B 156 13.36 28.00 0.31
N PRO B 157 12.53 27.59 1.33
CA PRO B 157 12.87 27.92 2.73
C PRO B 157 14.22 27.45 3.28
N VAL B 158 14.69 26.26 2.91
CA VAL B 158 15.93 25.67 3.45
C VAL B 158 17.22 26.43 3.00
N SER B 159 17.17 27.14 1.85
CA SER B 159 18.32 27.90 1.33
C SER B 159 18.78 29.02 2.29
N PHE B 160 17.80 29.76 2.85
CA PHE B 160 18.03 30.86 3.80
C PHE B 160 18.57 30.37 5.16
N LEU B 161 18.14 29.17 5.60
CA LEU B 161 18.51 28.61 6.92
C LEU B 161 19.88 27.91 6.99
N LEU B 162 20.42 27.44 5.86
CA LEU B 162 21.71 26.73 5.85
C LEU B 162 22.94 27.65 5.85
N ARG B 163 23.91 27.32 6.72
CA ARG B 163 25.18 28.04 6.91
C ARG B 163 26.11 27.95 5.70
N GLU B 164 26.10 26.79 5.02
CA GLU B 164 26.93 26.51 3.85
C GLU B 164 26.39 27.15 2.56
N LEU B 165 25.09 27.53 2.56
CA LEU B 165 24.42 28.15 1.41
C LEU B 165 24.30 29.68 1.47
N GLN B 166 24.96 30.34 2.46
CA GLN B 166 24.92 31.81 2.62
C GLN B 166 25.56 32.55 1.44
N ASP B 167 26.71 32.03 0.94
CA ASP B 167 27.46 32.58 -0.19
C ASP B 167 26.77 32.41 -1.55
N LYS B 168 25.74 31.55 -1.63
CA LYS B 168 24.97 31.27 -2.85
C LYS B 168 23.57 31.91 -2.81
N VAL B 169 23.18 32.50 -1.66
CA VAL B 169 21.88 33.13 -1.48
C VAL B 169 22.01 34.68 -1.34
N PRO B 170 21.33 35.46 -2.22
CA PRO B 170 21.44 36.93 -2.11
C PRO B 170 20.54 37.52 -1.03
N GLN B 171 20.78 38.79 -0.66
CA GLN B 171 19.96 39.51 0.32
C GLN B 171 18.69 40.00 -0.40
N LEU B 172 17.53 39.51 0.05
CA LEU B 172 16.23 39.84 -0.54
C LEU B 172 15.46 40.93 0.25
N PRO B 173 14.45 41.62 -0.35
CA PRO B 173 13.72 42.65 0.40
C PRO B 173 12.85 42.08 1.54
N GLY B 174 13.27 42.36 2.77
CA GLY B 174 12.61 41.90 3.99
C GLY B 174 13.12 40.56 4.49
N PHE B 175 14.33 40.16 4.06
CA PHE B 175 14.98 38.90 4.41
C PHE B 175 16.33 39.13 5.12
N SER B 176 16.61 40.40 5.50
CA SER B 176 17.84 40.84 6.17
C SER B 176 18.01 40.28 7.59
N TRP B 177 16.88 40.08 8.29
CA TRP B 177 16.81 39.58 9.67
C TRP B 177 17.29 38.12 9.84
N ILE B 178 17.11 37.27 8.80
CA ILE B 178 17.49 35.84 8.81
C ILE B 178 19.00 35.65 8.97
N LYS B 179 19.38 34.86 9.98
CA LYS B 179 20.76 34.48 10.29
C LYS B 179 20.90 32.96 10.05
N PRO B 180 22.00 32.49 9.40
CA PRO B 180 22.15 31.04 9.17
C PRO B 180 22.39 30.30 10.48
N CYS B 181 21.37 29.54 10.92
CA CYS B 181 21.35 28.83 12.20
C CYS B 181 21.68 27.33 12.12
N ILE B 182 21.13 26.61 11.13
CA ILE B 182 21.34 25.16 11.00
C ILE B 182 22.42 24.79 9.98
N SER B 183 23.33 23.87 10.37
CA SER B 183 24.40 23.35 9.51
C SER B 183 23.92 22.16 8.67
N SER B 184 24.74 21.72 7.69
CA SER B 184 24.44 20.62 6.76
C SER B 184 24.06 19.30 7.43
N ALA B 185 24.79 18.92 8.50
CA ALA B 185 24.60 17.68 9.26
C ALA B 185 23.46 17.76 10.32
N SER B 186 22.67 18.84 10.31
CA SER B 186 21.57 19.07 11.25
C SER B 186 20.16 19.02 10.61
N ILE B 187 20.09 18.74 9.29
CA ILE B 187 18.83 18.57 8.57
C ILE B 187 18.82 17.19 7.88
N VAL B 188 17.71 16.43 8.01
CA VAL B 188 17.50 15.12 7.38
C VAL B 188 16.12 15.12 6.72
N TYR B 189 16.08 14.81 5.41
CA TYR B 189 14.82 14.80 4.65
C TYR B 189 14.24 13.38 4.62
N ILE B 190 12.91 13.27 4.45
CA ILE B 190 12.21 11.98 4.34
C ILE B 190 11.04 12.12 3.37
N GLY B 191 10.98 11.25 2.36
CA GLY B 191 9.87 11.21 1.41
C GLY B 191 10.07 11.82 0.04
N LEU B 192 11.27 12.33 -0.23
CA LEU B 192 11.66 13.00 -1.50
C LEU B 192 11.36 12.18 -2.75
N ARG B 193 10.61 12.78 -3.70
CA ARG B 193 10.26 12.14 -4.97
C ARG B 193 10.09 13.14 -6.17
N ASP B 194 10.18 14.46 -5.91
CA ASP B 194 10.07 15.51 -6.92
C ASP B 194 11.13 16.56 -6.61
N VAL B 195 12.37 16.26 -7.02
CA VAL B 195 13.56 17.08 -6.82
C VAL B 195 13.99 17.71 -8.18
N ASP B 196 14.01 19.06 -8.25
CA ASP B 196 14.45 19.82 -9.42
C ASP B 196 15.99 19.69 -9.56
N PRO B 197 16.57 19.73 -10.80
CA PRO B 197 18.04 19.56 -10.93
C PRO B 197 18.89 20.46 -10.01
N PRO B 198 18.64 21.79 -9.81
CA PRO B 198 19.51 22.55 -8.88
C PRO B 198 19.45 22.06 -7.42
N GLU B 199 18.26 21.60 -6.95
CA GLU B 199 18.05 21.03 -5.61
C GLU B 199 18.94 19.79 -5.40
N HIS B 200 18.97 18.87 -6.40
CA HIS B 200 19.78 17.63 -6.40
C HIS B 200 21.28 17.91 -6.26
N PHE B 201 21.77 18.96 -6.95
CA PHE B 201 23.18 19.37 -6.90
C PHE B 201 23.53 19.83 -5.48
N ILE B 202 22.64 20.63 -4.86
CA ILE B 202 22.82 21.14 -3.49
C ILE B 202 22.94 19.98 -2.49
N LEU B 203 21.95 19.05 -2.47
CA LEU B 203 21.93 17.90 -1.57
C LEU B 203 23.19 17.07 -1.68
N LYS B 204 23.60 16.72 -2.93
CA LYS B 204 24.78 15.92 -3.21
C LYS B 204 26.11 16.60 -2.85
N ASN B 205 26.30 17.87 -3.28
CA ASN B 205 27.54 18.62 -3.04
C ASN B 205 27.78 19.05 -1.60
N TYR B 206 26.71 19.47 -0.87
CA TYR B 206 26.83 19.92 0.52
C TYR B 206 26.70 18.79 1.56
N ASP B 207 26.64 17.51 1.08
CA ASP B 207 26.54 16.28 1.88
C ASP B 207 25.30 16.27 2.82
N ILE B 208 24.17 16.79 2.32
CA ILE B 208 22.90 16.83 3.02
C ILE B 208 22.29 15.42 2.95
N GLN B 209 22.28 14.70 4.09
CA GLN B 209 21.74 13.34 4.23
C GLN B 209 20.22 13.31 4.01
N TYR B 210 19.73 12.39 3.16
CA TYR B 210 18.30 12.29 2.88
C TYR B 210 17.84 10.85 2.65
N PHE B 211 16.52 10.65 2.78
CA PHE B 211 15.84 9.37 2.56
C PHE B 211 14.67 9.57 1.62
N SER B 212 14.91 9.40 0.29
CA SER B 212 13.85 9.57 -0.73
C SER B 212 12.90 8.35 -0.67
N MET B 213 11.83 8.35 -1.49
CA MET B 213 10.89 7.22 -1.61
C MET B 213 11.63 5.95 -1.97
N ARG B 214 12.66 6.06 -2.85
CA ARG B 214 13.50 4.94 -3.26
C ARG B 214 14.26 4.37 -2.06
N ASP B 215 14.82 5.23 -1.19
CA ASP B 215 15.51 4.81 0.04
C ASP B 215 14.56 4.08 1.03
N ILE B 216 13.32 4.58 1.17
CA ILE B 216 12.27 4.00 2.02
C ILE B 216 11.92 2.61 1.43
N ASP B 217 11.84 2.51 0.07
CA ASP B 217 11.56 1.25 -0.66
C ASP B 217 12.57 0.16 -0.32
N ARG B 218 13.86 0.52 -0.21
CA ARG B 218 15.00 -0.35 0.08
C ARG B 218 15.17 -0.68 1.54
N LEU B 219 15.21 0.35 2.40
CA LEU B 219 15.47 0.18 3.83
C LEU B 219 14.25 -0.14 4.69
N GLY B 220 13.10 0.42 4.34
CA GLY B 220 11.90 0.31 5.16
C GLY B 220 11.87 1.49 6.13
N ILE B 221 10.66 1.94 6.48
CA ILE B 221 10.44 3.09 7.37
C ILE B 221 11.12 2.93 8.76
N GLN B 222 11.23 1.70 9.33
CA GLN B 222 11.88 1.48 10.63
C GLN B 222 13.37 1.86 10.59
N LYS B 223 14.11 1.34 9.58
CA LYS B 223 15.53 1.60 9.36
C LYS B 223 15.82 3.08 9.05
N VAL B 224 14.92 3.71 8.31
CA VAL B 224 14.98 5.12 7.93
C VAL B 224 14.91 5.97 9.20
N MET B 225 13.98 5.67 10.11
CA MET B 225 13.86 6.38 11.39
C MET B 225 15.06 6.12 12.29
N GLU B 226 15.57 4.86 12.35
CA GLU B 226 16.74 4.48 13.15
C GLU B 226 17.99 5.26 12.68
N ARG B 227 18.20 5.32 11.33
CA ARG B 227 19.33 6.00 10.69
C ARG B 227 19.28 7.51 10.85
N THR B 228 18.08 8.11 10.72
CA THR B 228 17.77 9.55 10.87
C THR B 228 18.17 10.04 12.27
N PHE B 229 17.87 9.24 13.32
CA PHE B 229 18.20 9.59 14.70
C PHE B 229 19.65 9.33 15.01
N ASP B 230 20.27 8.31 14.36
CA ASP B 230 21.68 7.97 14.51
C ASP B 230 22.50 9.16 14.00
N LEU B 231 22.00 9.84 12.94
CA LEU B 231 22.63 11.00 12.33
C LEU B 231 22.45 12.26 13.16
N LEU B 232 21.17 12.64 13.45
CA LEU B 232 20.82 13.87 14.15
C LEU B 232 21.10 13.87 15.66
N ILE B 233 20.58 12.86 16.41
CA ILE B 233 20.70 12.83 17.87
C ILE B 233 21.60 11.69 18.40
N GLY B 234 22.45 11.16 17.53
CA GLY B 234 23.42 10.12 17.91
C GLY B 234 24.59 10.69 18.70
N LYS B 235 25.02 11.93 18.37
CA LYS B 235 26.13 12.60 19.03
C LYS B 235 25.75 13.04 20.47
N ARG B 236 24.54 13.62 20.63
CA ARG B 236 23.97 14.09 21.90
C ARG B 236 22.45 14.33 21.79
N GLN B 237 21.75 14.46 22.94
CA GLN B 237 20.32 14.75 22.98
C GLN B 237 20.13 16.18 22.46
N ARG B 238 19.21 16.36 21.49
CA ARG B 238 18.98 17.65 20.84
C ARG B 238 17.49 17.89 20.57
N PRO B 239 16.99 19.15 20.61
CA PRO B 239 15.57 19.39 20.28
C PRO B 239 15.28 19.09 18.81
N ILE B 240 14.03 18.70 18.49
CA ILE B 240 13.64 18.33 17.13
C ILE B 240 12.55 19.23 16.57
N HIS B 241 12.74 19.71 15.32
CA HIS B 241 11.76 20.51 14.59
C HIS B 241 11.20 19.66 13.45
N LEU B 242 9.95 19.21 13.58
CA LEU B 242 9.34 18.40 12.56
C LEU B 242 8.55 19.25 11.58
N SER B 243 9.14 19.49 10.40
CA SER B 243 8.44 20.24 9.37
C SER B 243 7.76 19.20 8.48
N PHE B 244 6.42 19.23 8.41
CA PHE B 244 5.65 18.20 7.72
C PHE B 244 4.67 18.73 6.70
N ASP B 245 4.97 18.46 5.42
CA ASP B 245 4.11 18.82 4.31
C ASP B 245 3.20 17.63 4.05
N ILE B 246 1.89 17.86 3.97
CA ILE B 246 0.89 16.83 3.74
C ILE B 246 1.08 16.08 2.39
N ASP B 247 1.77 16.72 1.42
CA ASP B 247 2.01 16.11 0.10
C ASP B 247 3.11 15.04 0.14
N ALA B 248 3.79 14.81 1.28
CA ALA B 248 4.78 13.72 1.43
C ALA B 248 4.03 12.38 1.36
N PHE B 249 2.72 12.39 1.72
CA PHE B 249 1.79 11.26 1.64
C PHE B 249 1.32 11.12 0.21
N ASP B 250 0.92 9.91 -0.18
CA ASP B 250 0.39 9.63 -1.51
C ASP B 250 -0.89 10.44 -1.76
N PRO B 251 -1.09 10.98 -2.99
CA PRO B 251 -2.32 11.73 -3.29
C PRO B 251 -3.64 11.00 -3.06
N THR B 252 -3.64 9.66 -2.92
CA THR B 252 -4.87 8.91 -2.63
C THR B 252 -5.32 9.21 -1.19
N LEU B 253 -4.34 9.46 -0.30
CA LEU B 253 -4.51 9.73 1.13
C LEU B 253 -4.66 11.20 1.50
N ALA B 254 -3.92 12.08 0.80
CA ALA B 254 -3.98 13.54 0.99
C ALA B 254 -4.32 14.20 -0.37
N PRO B 255 -5.55 13.99 -0.92
CA PRO B 255 -5.88 14.53 -2.26
C PRO B 255 -6.00 16.03 -2.37
N ALA B 256 -6.39 16.69 -1.27
CA ALA B 256 -6.55 18.14 -1.22
C ALA B 256 -5.23 18.82 -0.82
N THR B 257 -4.27 18.91 -1.78
CA THR B 257 -2.96 19.55 -1.61
C THR B 257 -2.51 20.23 -2.91
N GLY B 258 -1.56 21.17 -2.80
CA GLY B 258 -1.06 21.99 -3.92
C GLY B 258 -0.32 21.28 -5.03
N THR B 259 0.84 20.69 -4.71
CA THR B 259 1.69 19.97 -5.66
C THR B 259 1.68 18.43 -5.34
N PRO B 260 0.61 17.69 -5.68
CA PRO B 260 0.59 16.25 -5.37
C PRO B 260 1.45 15.41 -6.32
N VAL B 261 2.36 14.60 -5.76
CA VAL B 261 3.26 13.71 -6.52
C VAL B 261 2.91 12.26 -6.18
N VAL B 262 2.59 11.46 -7.22
CA VAL B 262 2.24 10.04 -7.14
C VAL B 262 3.37 9.22 -6.49
N GLY B 263 3.01 8.15 -5.77
CA GLY B 263 3.97 7.25 -5.12
C GLY B 263 4.59 7.76 -3.82
N GLY B 264 3.74 8.26 -2.94
CA GLY B 264 4.19 8.78 -1.65
C GLY B 264 4.07 7.83 -0.48
N LEU B 265 4.17 8.41 0.73
CA LEU B 265 4.08 7.68 2.00
C LEU B 265 2.71 7.14 2.17
N THR B 266 2.62 5.92 2.76
CA THR B 266 1.34 5.32 3.07
C THR B 266 0.89 5.95 4.42
N TYR B 267 -0.38 5.76 4.80
CA TYR B 267 -0.89 6.22 6.10
C TYR B 267 0.02 5.70 7.21
N ARG B 268 0.31 4.38 7.18
CA ARG B 268 1.16 3.66 8.15
C ARG B 268 2.55 4.21 8.25
N GLU B 269 3.18 4.57 7.12
CA GLU B 269 4.54 5.13 7.15
C GLU B 269 4.58 6.51 7.83
N GLY B 270 3.61 7.36 7.52
CA GLY B 270 3.52 8.69 8.11
C GLY B 270 3.25 8.64 9.60
N MET B 271 2.36 7.72 10.04
CA MET B 271 2.09 7.56 11.49
C MET B 271 3.33 7.05 12.17
N TYR B 272 4.06 6.15 11.49
CA TYR B 272 5.29 5.61 12.03
C TYR B 272 6.35 6.72 12.29
N ILE B 273 6.55 7.61 11.31
CA ILE B 273 7.49 8.74 11.43
C ILE B 273 7.13 9.56 12.70
N ALA B 274 5.87 10.01 12.77
CA ALA B 274 5.30 10.82 13.87
C ALA B 274 5.42 10.12 15.25
N GLU B 275 5.22 8.78 15.30
CA GLU B 275 5.32 7.98 16.53
C GLU B 275 6.75 7.89 17.02
N GLU B 276 7.71 7.67 16.11
CA GLU B 276 9.13 7.58 16.45
C GLU B 276 9.64 8.91 16.94
N ILE B 277 9.15 10.02 16.33
CA ILE B 277 9.48 11.39 16.72
C ILE B 277 9.01 11.57 18.19
N HIS B 278 7.76 11.17 18.50
CA HIS B 278 7.23 11.24 19.87
C HIS B 278 8.12 10.44 20.83
N ASN B 279 8.46 9.18 20.46
CA ASN B 279 9.27 8.26 21.29
C ASN B 279 10.68 8.77 21.68
N THR B 280 11.24 9.76 20.97
CA THR B 280 12.56 10.32 21.35
C THR B 280 12.41 11.21 22.59
N GLY B 281 11.21 11.80 22.73
CA GLY B 281 10.86 12.73 23.80
C GLY B 281 11.50 14.10 23.61
N LEU B 282 12.13 14.31 22.42
CA LEU B 282 12.86 15.53 22.09
C LEU B 282 12.14 16.47 21.15
N LEU B 283 10.88 16.18 20.74
CA LEU B 283 10.12 17.06 19.85
C LEU B 283 9.90 18.43 20.49
N SER B 284 10.33 19.50 19.82
CA SER B 284 10.21 20.86 20.34
C SER B 284 9.35 21.79 19.49
N ALA B 285 9.19 21.50 18.16
CA ALA B 285 8.36 22.30 17.24
C ALA B 285 7.83 21.49 16.05
N LEU B 286 6.65 21.85 15.51
CA LEU B 286 6.04 21.13 14.41
C LEU B 286 5.24 22.02 13.44
N ASP B 287 5.37 21.74 12.12
CA ASP B 287 4.62 22.43 11.06
C ASP B 287 3.74 21.46 10.29
N LEU B 288 2.47 21.84 10.01
CA LEU B 288 1.56 21.02 9.23
C LEU B 288 0.96 21.88 8.11
N VAL B 289 1.57 21.76 6.92
CA VAL B 289 1.26 22.60 5.78
C VAL B 289 0.68 21.87 4.55
N GLU B 290 0.27 22.71 3.59
CA GLU B 290 -0.23 22.45 2.24
C GLU B 290 -1.59 21.75 2.21
N VAL B 291 -2.41 21.92 3.26
CA VAL B 291 -3.78 21.38 3.24
C VAL B 291 -4.61 22.43 2.44
N ASN B 292 -5.20 22.01 1.32
CA ASN B 292 -5.99 22.89 0.46
C ASN B 292 -7.42 22.36 0.25
N PRO B 293 -8.37 22.73 1.13
CA PRO B 293 -9.75 22.24 1.00
C PRO B 293 -10.48 22.63 -0.30
N GLN B 294 -9.95 23.63 -1.04
CA GLN B 294 -10.51 24.10 -2.32
C GLN B 294 -10.09 23.18 -3.49
N LEU B 295 -9.04 22.36 -3.30
CA LEU B 295 -8.55 21.44 -4.32
C LEU B 295 -9.11 20.01 -4.19
N ALA B 296 -10.39 19.88 -3.75
CA ALA B 296 -11.05 18.58 -3.56
C ALA B 296 -12.24 18.38 -4.50
N THR B 297 -12.30 17.23 -5.18
CA THR B 297 -13.34 16.87 -6.14
C THR B 297 -14.65 16.37 -5.48
N SER B 298 -14.56 15.98 -4.18
CA SER B 298 -15.69 15.49 -3.38
C SER B 298 -15.53 15.89 -1.91
N GLU B 299 -16.62 15.79 -1.09
CA GLU B 299 -16.55 16.17 0.32
C GLU B 299 -15.69 15.22 1.15
N GLU B 300 -15.72 13.91 0.83
CA GLU B 300 -14.93 12.89 1.50
C GLU B 300 -13.43 13.09 1.25
N GLU B 301 -13.05 13.61 0.06
CA GLU B 301 -11.65 13.92 -0.31
C GLU B 301 -11.12 15.08 0.53
N ALA B 302 -11.98 16.06 0.85
CA ALA B 302 -11.62 17.22 1.67
C ALA B 302 -11.52 16.80 3.13
N LYS B 303 -12.45 15.93 3.57
CA LYS B 303 -12.51 15.41 4.93
C LYS B 303 -11.37 14.46 5.26
N THR B 304 -10.97 13.59 4.29
CA THR B 304 -9.87 12.63 4.44
C THR B 304 -8.53 13.35 4.73
N THR B 305 -8.24 14.42 3.98
CA THR B 305 -7.00 15.21 4.10
C THR B 305 -6.92 15.95 5.43
N ALA B 306 -8.09 16.45 5.92
CA ALA B 306 -8.18 17.16 7.20
C ALA B 306 -7.99 16.14 8.33
N ASN B 307 -8.72 15.00 8.27
CA ASN B 307 -8.64 13.92 9.25
C ASN B 307 -7.21 13.37 9.33
N LEU B 308 -6.51 13.28 8.17
CA LEU B 308 -5.13 12.83 8.07
C LEU B 308 -4.17 13.75 8.80
N ALA B 309 -4.34 15.08 8.59
CA ALA B 309 -3.50 16.13 9.18
C ALA B 309 -3.60 16.10 10.73
N VAL B 310 -4.81 15.88 11.26
CA VAL B 310 -5.05 15.75 12.71
C VAL B 310 -4.27 14.51 13.22
N ASP B 311 -4.37 13.38 12.49
CA ASP B 311 -3.65 12.14 12.87
C ASP B 311 -2.16 12.32 13.00
N VAL B 312 -1.52 13.08 12.09
CA VAL B 312 -0.05 13.32 12.12
C VAL B 312 0.36 14.07 13.40
N ILE B 313 -0.37 15.15 13.74
CA ILE B 313 -0.07 15.97 14.94
C ILE B 313 -0.33 15.14 16.21
N ALA B 314 -1.50 14.46 16.27
CA ALA B 314 -1.86 13.60 17.41
C ALA B 314 -0.79 12.54 17.65
N SER B 315 -0.29 11.86 16.57
CA SER B 315 0.76 10.85 16.71
C SER B 315 2.08 11.44 17.15
N SER B 316 2.29 12.75 16.87
CA SER B 316 3.53 13.41 17.27
C SER B 316 3.59 13.70 18.78
N PHE B 317 2.42 13.67 19.46
CA PHE B 317 2.27 13.89 20.91
C PHE B 317 1.62 12.72 21.69
N GLY B 318 1.92 11.49 21.30
CA GLY B 318 1.44 10.31 22.03
C GLY B 318 0.43 9.36 21.41
N GLN B 319 -0.44 9.82 20.49
CA GLN B 319 -1.41 8.91 19.86
C GLN B 319 -0.69 7.75 19.13
N THR B 320 -1.12 6.51 19.35
CA THR B 320 -0.49 5.37 18.69
C THR B 320 -1.53 4.36 18.20
N ARG B 321 -1.11 3.37 17.40
CA ARG B 321 -1.98 2.33 16.85
C ARG B 321 -2.47 1.38 17.94
N GLU B 322 -1.63 1.10 18.94
CA GLU B 322 -1.95 0.19 20.06
C GLU B 322 -2.74 0.85 21.19
N GLY B 323 -2.83 2.18 21.19
CA GLY B 323 -3.43 2.92 22.29
C GLY B 323 -2.40 3.00 23.40
N GLY B 324 -2.81 2.99 24.64
CA GLY B 324 -1.82 3.05 25.70
C GLY B 324 -1.35 4.43 26.07
N HIS B 325 -1.74 5.47 25.29
CA HIS B 325 -1.44 6.89 25.57
C HIS B 325 -2.23 7.29 26.84
N ILE B 326 -3.51 6.89 26.89
CA ILE B 326 -4.37 7.06 28.06
C ILE B 326 -4.09 5.86 28.99
N VAL B 327 -3.72 6.13 30.24
CA VAL B 327 -3.41 5.12 31.26
C VAL B 327 -4.65 4.75 32.09
N TYR B 328 -5.04 3.46 32.02
CA TYR B 328 -6.15 2.85 32.75
C TYR B 328 -5.58 2.25 34.03
N ASP B 329 -6.13 2.68 35.19
CA ASP B 329 -5.71 2.27 36.54
C ASP B 329 -5.97 0.78 36.89
N GLN B 330 -7.27 0.38 36.89
CA GLN B 330 -7.77 -0.96 37.24
C GLN B 330 -9.12 -1.22 36.56
N LEU B 331 -9.44 -2.50 36.32
CA LEU B 331 -10.71 -2.92 35.73
C LEU B 331 -11.82 -2.89 36.80
N PRO B 332 -13.04 -2.42 36.46
CA PRO B 332 -14.14 -2.51 37.44
C PRO B 332 -14.49 -3.98 37.72
N THR B 333 -14.82 -4.30 38.98
CA THR B 333 -15.18 -5.66 39.41
C THR B 333 -16.71 -5.79 39.50
N PRO B 334 -17.31 -6.96 39.16
CA PRO B 334 -18.78 -7.09 39.23
C PRO B 334 -19.31 -7.07 40.65
N VAL C 17 -6.91 -33.11 0.58
CA VAL C 17 -8.37 -32.94 0.60
C VAL C 17 -8.84 -32.45 1.99
N HIS C 18 -9.43 -31.24 2.04
CA HIS C 18 -9.96 -30.66 3.28
C HIS C 18 -11.48 -30.86 3.34
N SER C 19 -12.02 -31.34 4.47
CA SER C 19 -13.46 -31.47 4.69
C SER C 19 -13.88 -30.16 5.39
N VAL C 20 -14.72 -29.36 4.70
CA VAL C 20 -15.09 -28.01 5.12
C VAL C 20 -16.60 -27.86 5.27
N ALA C 21 -17.05 -27.37 6.41
CA ALA C 21 -18.46 -27.09 6.70
C ALA C 21 -18.62 -25.58 6.68
N VAL C 22 -19.69 -25.10 6.05
CA VAL C 22 -19.96 -23.67 5.97
C VAL C 22 -21.23 -23.41 6.73
N ILE C 23 -21.20 -22.47 7.69
CA ILE C 23 -22.37 -22.11 8.51
C ILE C 23 -22.64 -20.64 8.32
N GLY C 24 -23.87 -20.29 7.91
CA GLY C 24 -24.24 -18.88 7.82
C GLY C 24 -24.83 -18.46 9.16
N ALA C 25 -24.28 -17.41 9.76
CA ALA C 25 -24.77 -16.90 11.06
C ALA C 25 -25.23 -15.45 10.82
N PRO C 26 -26.47 -15.24 10.26
CA PRO C 26 -26.94 -13.87 9.97
C PRO C 26 -27.35 -13.12 11.24
N PHE C 27 -26.32 -12.75 12.01
CA PHE C 27 -26.28 -12.17 13.35
C PHE C 27 -26.03 -10.67 13.30
N SER C 28 -26.93 -9.84 13.86
CA SER C 28 -26.71 -8.38 13.89
C SER C 28 -26.83 -7.75 15.29
N GLN C 29 -27.49 -8.43 16.24
CA GLN C 29 -27.74 -7.94 17.60
C GLN C 29 -26.47 -7.63 18.45
N GLY C 30 -25.27 -8.02 17.97
CA GLY C 30 -24.01 -7.71 18.64
C GLY C 30 -23.58 -6.25 18.44
N GLN C 31 -24.31 -5.52 17.57
CA GLN C 31 -24.10 -4.10 17.26
C GLN C 31 -25.41 -3.42 16.80
N LYS C 32 -25.35 -2.14 16.39
CA LYS C 32 -26.53 -1.35 16.05
C LYS C 32 -26.71 -1.09 14.55
N ARG C 33 -25.67 -1.34 13.73
CA ARG C 33 -25.73 -1.12 12.29
C ARG C 33 -26.37 -2.33 11.58
N LYS C 34 -27.52 -2.11 10.92
CA LYS C 34 -28.21 -3.18 10.20
C LYS C 34 -27.57 -3.44 8.80
N GLY C 35 -27.65 -4.69 8.34
CA GLY C 35 -27.10 -5.12 7.06
C GLY C 35 -26.09 -6.26 7.16
N VAL C 36 -25.38 -6.36 8.30
CA VAL C 36 -24.37 -7.40 8.58
C VAL C 36 -25.00 -8.82 8.53
N GLU C 37 -26.34 -8.93 8.75
CA GLU C 37 -27.09 -10.17 8.66
C GLU C 37 -27.10 -10.71 7.20
N HIS C 38 -26.78 -9.83 6.22
CA HIS C 38 -26.69 -10.20 4.79
C HIS C 38 -25.27 -10.56 4.36
N GLY C 39 -24.32 -10.49 5.31
CA GLY C 39 -22.94 -10.91 5.09
C GLY C 39 -22.81 -12.34 4.56
N PRO C 40 -23.48 -13.38 5.14
CA PRO C 40 -23.31 -14.75 4.60
C PRO C 40 -23.76 -14.92 3.16
N ALA C 41 -24.95 -14.37 2.78
CA ALA C 41 -25.46 -14.39 1.39
C ALA C 41 -24.51 -13.69 0.42
N ALA C 42 -24.00 -12.50 0.79
CA ALA C 42 -23.06 -11.72 0.01
C ALA C 42 -21.79 -12.51 -0.30
N ILE C 43 -21.27 -13.23 0.71
CA ILE C 43 -20.06 -14.05 0.55
C ILE C 43 -20.35 -15.23 -0.40
N ARG C 44 -21.49 -15.90 -0.23
CA ARG C 44 -21.91 -17.03 -1.08
C ARG C 44 -22.15 -16.57 -2.55
N GLU C 45 -22.71 -15.36 -2.75
CA GLU C 45 -22.95 -14.77 -4.08
C GLU C 45 -21.65 -14.37 -4.79
N ALA C 46 -20.57 -14.13 -4.01
CA ALA C 46 -19.26 -13.78 -4.55
C ALA C 46 -18.51 -15.05 -5.01
N GLY C 47 -19.15 -16.21 -4.92
CA GLY C 47 -18.62 -17.47 -5.39
C GLY C 47 -17.83 -18.33 -4.44
N LEU C 48 -18.09 -18.20 -3.12
CA LEU C 48 -17.40 -18.97 -2.07
C LEU C 48 -17.35 -20.49 -2.31
N MET C 49 -18.52 -21.11 -2.52
CA MET C 49 -18.62 -22.57 -2.67
C MET C 49 -17.88 -23.09 -3.89
N LYS C 50 -18.05 -22.43 -5.05
CA LYS C 50 -17.37 -22.77 -6.33
C LYS C 50 -15.86 -22.68 -6.15
N ARG C 51 -15.39 -21.67 -5.43
CA ARG C 51 -13.97 -21.47 -5.15
C ARG C 51 -13.41 -22.58 -4.25
N LEU C 52 -14.14 -22.96 -3.17
CA LEU C 52 -13.70 -24.05 -2.28
C LEU C 52 -13.74 -25.41 -3.01
N SER C 53 -14.77 -25.66 -3.84
CA SER C 53 -14.90 -26.90 -4.63
C SER C 53 -13.67 -27.10 -5.55
N SER C 54 -13.24 -26.02 -6.23
CA SER C 54 -12.07 -26.02 -7.12
C SER C 54 -10.74 -26.29 -6.39
N LEU C 55 -10.71 -26.12 -5.05
CA LEU C 55 -9.53 -26.38 -4.22
C LEU C 55 -9.46 -27.86 -3.84
N GLY C 56 -10.52 -28.61 -4.19
CA GLY C 56 -10.63 -30.02 -3.87
C GLY C 56 -11.31 -30.32 -2.56
N CYS C 57 -11.91 -29.29 -1.90
CA CYS C 57 -12.62 -29.42 -0.62
C CYS C 57 -13.87 -30.25 -0.76
N HIS C 58 -14.13 -31.05 0.27
CA HIS C 58 -15.36 -31.84 0.42
C HIS C 58 -16.25 -30.93 1.28
N LEU C 59 -17.31 -30.35 0.66
CA LEU C 59 -18.14 -29.33 1.29
C LEU C 59 -19.45 -29.78 1.87
N LYS C 60 -19.83 -29.13 2.97
CA LYS C 60 -21.14 -29.26 3.58
C LYS C 60 -21.54 -27.85 3.93
N ASP C 61 -22.66 -27.37 3.37
CA ASP C 61 -23.20 -26.06 3.67
C ASP C 61 -24.44 -26.26 4.53
N PHE C 62 -24.43 -25.66 5.71
CA PHE C 62 -25.58 -25.80 6.62
C PHE C 62 -26.65 -24.75 6.26
N GLY C 63 -26.29 -23.86 5.36
CA GLY C 63 -27.14 -22.73 4.97
C GLY C 63 -27.04 -21.71 6.08
N ASP C 64 -28.02 -20.80 6.16
CA ASP C 64 -28.04 -19.79 7.21
C ASP C 64 -28.89 -20.26 8.37
N LEU C 65 -28.37 -20.18 9.57
CA LEU C 65 -29.12 -20.60 10.74
C LEU C 65 -30.21 -19.59 11.08
N SER C 66 -31.35 -20.11 11.52
CA SER C 66 -32.51 -19.35 11.96
C SER C 66 -32.44 -19.36 13.49
N PHE C 67 -31.95 -18.25 14.06
CA PHE C 67 -31.77 -18.12 15.50
C PHE C 67 -33.09 -17.78 16.18
N THR C 68 -33.37 -18.44 17.33
CA THR C 68 -34.59 -18.24 18.10
C THR C 68 -34.68 -16.77 18.58
N PRO C 69 -35.74 -16.02 18.16
CA PRO C 69 -35.83 -14.61 18.57
C PRO C 69 -36.25 -14.44 20.02
N VAL C 70 -35.71 -13.39 20.68
CA VAL C 70 -36.01 -13.04 22.07
C VAL C 70 -36.75 -11.69 22.02
N PRO C 71 -38.11 -11.69 21.95
CA PRO C 71 -38.85 -10.42 21.86
C PRO C 71 -38.69 -9.53 23.10
N LYS C 72 -38.69 -10.15 24.30
CA LYS C 72 -38.50 -9.42 25.55
C LYS C 72 -37.02 -9.50 25.95
N ASP C 73 -36.24 -8.48 25.55
CA ASP C 73 -34.81 -8.40 25.80
C ASP C 73 -34.36 -6.95 26.05
N ASP C 74 -34.39 -6.53 27.34
CA ASP C 74 -34.00 -5.19 27.77
C ASP C 74 -32.51 -5.09 28.07
N LEU C 75 -31.94 -3.87 27.91
CA LEU C 75 -30.54 -3.57 28.11
C LEU C 75 -30.07 -3.78 29.56
N TYR C 76 -28.92 -4.48 29.72
CA TYR C 76 -28.29 -4.82 31.01
C TYR C 76 -27.48 -3.65 31.54
N ASN C 77 -27.65 -3.31 32.85
CA ASN C 77 -26.99 -2.20 33.56
C ASN C 77 -27.05 -0.87 32.78
N ASN C 78 -28.19 -0.64 32.07
CA ASN C 78 -28.49 0.52 31.23
C ASN C 78 -27.38 0.85 30.22
N LEU C 79 -26.85 -0.19 29.50
CA LEU C 79 -25.78 -0.06 28.49
C LEU C 79 -25.73 -1.21 27.48
N ILE C 80 -25.56 -2.47 27.96
CA ILE C 80 -25.45 -3.69 27.13
C ILE C 80 -26.74 -3.95 26.32
N VAL C 81 -26.70 -3.62 25.03
CA VAL C 81 -27.83 -3.77 24.10
C VAL C 81 -28.01 -5.25 23.67
N ASN C 82 -29.29 -5.70 23.64
CA ASN C 82 -29.78 -7.04 23.28
C ASN C 82 -28.95 -8.22 23.88
N PRO C 83 -28.73 -8.34 25.21
CA PRO C 83 -27.90 -9.45 25.70
C PRO C 83 -28.46 -10.85 25.47
N ARG C 84 -29.73 -11.10 25.86
CA ARG C 84 -30.39 -12.41 25.75
C ARG C 84 -30.35 -12.97 24.34
N SER C 85 -30.65 -12.12 23.32
CA SER C 85 -30.63 -12.46 21.89
C SER C 85 -29.25 -12.96 21.46
N VAL C 86 -28.19 -12.19 21.79
CA VAL C 86 -26.78 -12.48 21.47
C VAL C 86 -26.36 -13.80 22.14
N GLY C 87 -26.66 -13.95 23.44
CA GLY C 87 -26.30 -15.13 24.20
C GLY C 87 -26.94 -16.42 23.72
N LEU C 88 -28.26 -16.38 23.44
CA LEU C 88 -29.04 -17.53 22.98
C LEU C 88 -28.59 -18.00 21.58
N ALA C 89 -28.47 -17.05 20.64
CA ALA C 89 -28.05 -17.30 19.26
C ALA C 89 -26.64 -17.92 19.23
N ASN C 90 -25.73 -17.46 20.13
CA ASN C 90 -24.39 -18.03 20.27
C ASN C 90 -24.44 -19.46 20.83
N GLN C 91 -25.37 -19.71 21.79
CA GLN C 91 -25.57 -21.04 22.39
C GLN C 91 -26.00 -22.04 21.32
N GLU C 92 -26.89 -21.62 20.40
CA GLU C 92 -27.38 -22.43 19.29
C GLU C 92 -26.25 -22.67 18.27
N LEU C 93 -25.53 -21.58 17.90
CA LEU C 93 -24.40 -21.63 16.98
C LEU C 93 -23.31 -22.60 17.48
N ALA C 94 -23.00 -22.60 18.79
CA ALA C 94 -22.01 -23.49 19.41
C ALA C 94 -22.36 -24.98 19.24
N GLU C 95 -23.67 -25.34 19.31
CA GLU C 95 -24.15 -26.73 19.12
C GLU C 95 -23.84 -27.22 17.68
N VAL C 96 -24.09 -26.37 16.68
CA VAL C 96 -23.84 -26.63 15.27
C VAL C 96 -22.34 -26.79 14.99
N VAL C 97 -21.53 -25.83 15.47
CA VAL C 97 -20.08 -25.85 15.30
C VAL C 97 -19.52 -27.12 15.96
N SER C 98 -19.95 -27.41 17.21
CA SER C 98 -19.51 -28.59 17.95
C SER C 98 -19.75 -29.89 17.16
N ARG C 99 -20.94 -30.00 16.52
CA ARG C 99 -21.33 -31.15 15.70
C ARG C 99 -20.46 -31.24 14.43
N ALA C 100 -20.32 -30.13 13.66
CA ALA C 100 -19.49 -30.12 12.46
C ALA C 100 -18.03 -30.55 12.77
N VAL C 101 -17.46 -30.03 13.87
CA VAL C 101 -16.11 -30.33 14.34
C VAL C 101 -16.03 -31.82 14.74
N SER C 102 -17.07 -32.35 15.40
CA SER C 102 -17.15 -33.77 15.79
C SER C 102 -17.13 -34.69 14.56
N ASP C 103 -17.85 -34.28 13.50
CA ASP C 103 -17.95 -35.00 12.23
C ASP C 103 -16.72 -34.84 11.29
N GLY C 104 -15.63 -34.28 11.81
CA GLY C 104 -14.37 -34.12 11.09
C GLY C 104 -14.26 -32.95 10.12
N TYR C 105 -15.22 -32.02 10.15
CA TYR C 105 -15.20 -30.85 9.26
C TYR C 105 -14.43 -29.66 9.88
N SER C 106 -13.70 -28.91 9.03
CA SER C 106 -13.07 -27.63 9.41
C SER C 106 -14.26 -26.70 9.25
N CYS C 107 -14.63 -26.01 10.32
CA CYS C 107 -15.85 -25.24 10.36
C CYS C 107 -15.67 -23.75 10.02
N VAL C 108 -16.24 -23.31 8.89
CA VAL C 108 -16.20 -21.93 8.40
C VAL C 108 -17.53 -21.29 8.81
N THR C 109 -17.47 -20.23 9.64
CA THR C 109 -18.69 -19.54 10.03
C THR C 109 -18.67 -18.18 9.39
N LEU C 110 -19.73 -17.87 8.63
CA LEU C 110 -19.88 -16.60 7.96
C LEU C 110 -20.78 -15.68 8.80
N GLY C 111 -20.26 -14.51 9.13
CA GLY C 111 -20.98 -13.50 9.89
C GLY C 111 -21.66 -12.46 9.01
N GLY C 112 -22.46 -11.57 9.58
CA GLY C 112 -22.74 -11.49 11.02
C GLY C 112 -21.68 -10.69 11.75
N ASP C 113 -21.99 -10.16 12.95
CA ASP C 113 -21.01 -9.38 13.67
C ASP C 113 -20.06 -10.30 14.45
N HIS C 114 -18.96 -9.75 14.97
CA HIS C 114 -17.95 -10.53 15.69
C HIS C 114 -18.40 -11.09 17.05
N SER C 115 -19.65 -10.80 17.53
CA SER C 115 -20.12 -11.45 18.76
C SER C 115 -20.29 -12.96 18.56
N LEU C 116 -20.45 -13.41 17.29
CA LEU C 116 -20.60 -14.82 16.95
C LEU C 116 -19.37 -15.66 17.31
N ALA C 117 -18.21 -15.03 17.56
CA ALA C 117 -17.01 -15.78 17.97
C ALA C 117 -17.20 -16.42 19.35
N ILE C 118 -18.17 -15.92 20.15
CA ILE C 118 -18.50 -16.53 21.45
C ILE C 118 -18.96 -17.98 21.15
N GLY C 119 -19.93 -18.11 20.26
CA GLY C 119 -20.47 -19.41 19.87
C GLY C 119 -19.51 -20.30 19.11
N THR C 120 -18.80 -19.75 18.08
CA THR C 120 -17.87 -20.59 17.28
C THR C 120 -16.68 -21.12 18.11
N ILE C 121 -16.06 -20.24 18.94
CA ILE C 121 -14.93 -20.67 19.77
C ILE C 121 -15.42 -21.62 20.88
N SER C 122 -16.59 -21.32 21.50
CA SER C 122 -17.19 -22.20 22.52
C SER C 122 -17.46 -23.61 21.98
N GLY C 123 -18.10 -23.66 20.82
CA GLY C 123 -18.44 -24.91 20.15
C GLY C 123 -17.22 -25.71 19.73
N HIS C 124 -16.23 -25.02 19.14
CA HIS C 124 -14.97 -25.61 18.71
C HIS C 124 -14.17 -26.19 19.91
N ALA C 125 -14.09 -25.45 21.04
CA ALA C 125 -13.33 -25.87 22.22
C ALA C 125 -13.89 -27.11 22.95
N ARG C 126 -15.16 -27.45 22.70
CA ARG C 126 -15.78 -28.63 23.31
C ARG C 126 -15.06 -29.91 22.89
N HIS C 127 -14.72 -30.03 21.60
CA HIS C 127 -14.01 -31.19 21.06
C HIS C 127 -12.53 -30.93 20.87
N CYS C 128 -12.12 -29.63 20.82
CA CYS C 128 -10.72 -29.20 20.67
C CYS C 128 -10.29 -28.36 21.88
N PRO C 129 -10.18 -28.92 23.12
CA PRO C 129 -9.81 -28.08 24.26
C PRO C 129 -8.41 -27.45 24.17
N ASP C 130 -7.52 -28.00 23.33
CA ASP C 130 -6.16 -27.46 23.17
C ASP C 130 -6.07 -26.49 21.99
N LEU C 131 -7.23 -25.95 21.54
CA LEU C 131 -7.19 -25.02 20.41
C LEU C 131 -6.43 -23.71 20.73
N CYS C 132 -5.93 -23.06 19.68
CA CYS C 132 -5.34 -21.75 19.82
C CYS C 132 -6.09 -20.83 18.84
N VAL C 133 -6.10 -19.54 19.12
CA VAL C 133 -6.86 -18.57 18.31
C VAL C 133 -5.91 -17.55 17.71
N VAL C 134 -6.07 -17.28 16.41
CA VAL C 134 -5.36 -16.20 15.71
C VAL C 134 -6.53 -15.24 15.40
N TRP C 135 -6.53 -14.08 16.05
CA TRP C 135 -7.59 -13.06 15.96
C TRP C 135 -7.10 -11.92 15.10
N VAL C 136 -7.65 -11.84 13.87
CA VAL C 136 -7.23 -10.87 12.86
C VAL C 136 -8.27 -9.79 12.77
N ASP C 137 -7.91 -8.59 13.20
CA ASP C 137 -8.89 -7.53 13.39
C ASP C 137 -8.24 -6.18 13.64
N ALA C 138 -8.96 -5.09 13.31
CA ALA C 138 -8.49 -3.74 13.68
C ALA C 138 -8.69 -3.55 15.22
N HIS C 139 -9.61 -4.32 15.81
CA HIS C 139 -10.01 -4.23 17.22
C HIS C 139 -9.65 -5.47 18.05
N ALA C 140 -9.48 -5.28 19.37
CA ALA C 140 -9.19 -6.40 20.27
C ALA C 140 -10.44 -7.11 20.77
N ASP C 141 -11.64 -6.48 20.62
CA ASP C 141 -12.94 -7.07 20.99
C ASP C 141 -12.87 -7.72 22.40
N ILE C 142 -12.16 -7.07 23.34
CA ILE C 142 -11.91 -7.65 24.65
C ILE C 142 -12.42 -6.73 25.80
N ASN C 143 -13.35 -5.81 25.49
CA ASN C 143 -13.98 -5.00 26.55
C ASN C 143 -14.81 -5.97 27.38
N THR C 144 -14.98 -5.68 28.66
CA THR C 144 -15.83 -6.53 29.49
C THR C 144 -17.19 -5.82 29.47
N PRO C 145 -18.30 -6.43 29.91
CA PRO C 145 -19.56 -5.66 30.00
C PRO C 145 -19.45 -4.43 30.93
N LEU C 146 -18.39 -4.36 31.75
CA LEU C 146 -18.16 -3.26 32.69
C LEU C 146 -17.19 -2.16 32.19
N THR C 147 -16.47 -2.39 31.05
CA THR C 147 -15.55 -1.40 30.49
C THR C 147 -16.05 -0.79 29.18
N THR C 148 -16.95 -1.50 28.47
CA THR C 148 -17.54 -1.05 27.20
C THR C 148 -18.14 0.34 27.33
N SER C 149 -17.95 1.17 26.29
CA SER C 149 -18.49 2.52 26.24
C SER C 149 -19.67 2.54 25.30
N SER C 150 -19.67 1.67 24.28
CA SER C 150 -20.73 1.58 23.28
C SER C 150 -21.89 0.72 23.76
N GLY C 151 -21.56 -0.34 24.50
CA GLY C 151 -22.51 -1.35 24.93
C GLY C 151 -22.74 -2.41 23.86
N ASN C 152 -21.93 -2.37 22.77
CA ASN C 152 -22.03 -3.31 21.65
C ASN C 152 -21.26 -4.59 21.95
N LEU C 153 -21.99 -5.72 22.03
CA LEU C 153 -21.39 -7.01 22.38
C LEU C 153 -20.33 -7.51 21.38
N HIS C 154 -20.32 -7.02 20.12
CA HIS C 154 -19.30 -7.38 19.12
C HIS C 154 -17.91 -6.80 19.49
N GLY C 155 -17.89 -5.86 20.44
CA GLY C 155 -16.67 -5.27 20.94
C GLY C 155 -16.21 -5.90 22.24
N GLN C 156 -16.89 -6.98 22.68
CA GLN C 156 -16.59 -7.69 23.93
C GLN C 156 -16.42 -9.25 23.85
N PRO C 157 -16.44 -9.97 22.69
CA PRO C 157 -16.48 -11.45 22.75
C PRO C 157 -15.38 -12.16 23.51
N VAL C 158 -14.14 -11.68 23.39
CA VAL C 158 -12.96 -12.29 24.01
C VAL C 158 -13.07 -12.29 25.56
N SER C 159 -13.70 -11.25 26.17
CA SER C 159 -13.86 -11.18 27.64
C SER C 159 -14.62 -12.37 28.19
N PHE C 160 -15.65 -12.85 27.47
CA PHE C 160 -16.43 -14.03 27.86
C PHE C 160 -15.68 -15.37 27.71
N LEU C 161 -14.68 -15.46 26.80
CA LEU C 161 -13.94 -16.70 26.55
C LEU C 161 -12.63 -16.87 27.32
N LEU C 162 -12.03 -15.76 27.72
CA LEU C 162 -10.72 -15.71 28.37
C LEU C 162 -10.79 -16.16 29.83
N ARG C 163 -10.08 -17.26 30.17
CA ARG C 163 -10.06 -17.85 31.53
C ARG C 163 -9.63 -16.86 32.61
N GLU C 164 -8.51 -16.15 32.38
CA GLU C 164 -7.91 -15.20 33.31
C GLU C 164 -8.79 -13.97 33.60
N LEU C 165 -9.81 -13.71 32.77
CA LEU C 165 -10.71 -12.57 32.96
C LEU C 165 -12.05 -12.91 33.64
N GLN C 166 -12.32 -14.20 33.98
CA GLN C 166 -13.60 -14.65 34.54
C GLN C 166 -14.09 -13.81 35.76
N ASP C 167 -13.17 -13.45 36.67
CA ASP C 167 -13.49 -12.67 37.87
C ASP C 167 -13.87 -11.20 37.57
N LYS C 168 -13.61 -10.71 36.32
CA LYS C 168 -13.93 -9.35 35.88
C LYS C 168 -15.18 -9.28 35.00
N VAL C 169 -15.75 -10.44 34.64
CA VAL C 169 -16.93 -10.51 33.78
C VAL C 169 -18.19 -10.89 34.59
N PRO C 170 -19.19 -9.99 34.66
CA PRO C 170 -20.42 -10.33 35.40
C PRO C 170 -21.25 -11.33 34.62
N GLN C 171 -22.18 -12.03 35.31
CA GLN C 171 -23.05 -12.99 34.65
C GLN C 171 -24.20 -12.23 33.97
N LEU C 172 -24.22 -12.25 32.62
CA LEU C 172 -25.24 -11.57 31.80
C LEU C 172 -26.38 -12.53 31.51
N PRO C 173 -27.64 -12.05 31.36
CA PRO C 173 -28.74 -12.98 31.03
C PRO C 173 -28.54 -13.61 29.65
N GLY C 174 -28.68 -14.92 29.58
CA GLY C 174 -28.49 -15.69 28.36
C GLY C 174 -27.05 -16.04 28.07
N PHE C 175 -26.12 -15.68 28.99
CA PHE C 175 -24.69 -15.89 28.86
C PHE C 175 -24.11 -16.90 29.84
N SER C 176 -24.95 -17.49 30.71
CA SER C 176 -24.48 -18.45 31.73
C SER C 176 -23.90 -19.75 31.18
N TRP C 177 -24.43 -20.25 30.06
CA TRP C 177 -23.95 -21.47 29.38
C TRP C 177 -22.46 -21.41 29.02
N ILE C 178 -21.92 -20.18 28.80
CA ILE C 178 -20.52 -19.94 28.41
C ILE C 178 -19.56 -20.34 29.49
N LYS C 179 -18.65 -21.26 29.14
CA LYS C 179 -17.57 -21.72 30.00
C LYS C 179 -16.27 -21.13 29.39
N PRO C 180 -15.55 -20.22 30.10
CA PRO C 180 -14.28 -19.69 29.54
C PRO C 180 -13.38 -20.83 29.04
N CYS C 181 -12.97 -20.78 27.77
CA CYS C 181 -12.26 -21.90 27.13
C CYS C 181 -10.87 -21.57 26.56
N ILE C 182 -10.41 -20.33 26.66
CA ILE C 182 -9.07 -19.99 26.16
C ILE C 182 -8.24 -19.29 27.20
N SER C 183 -6.94 -19.62 27.28
CA SER C 183 -6.05 -18.93 28.19
C SER C 183 -5.35 -17.80 27.43
N SER C 184 -4.91 -16.74 28.14
CA SER C 184 -4.24 -15.60 27.54
C SER C 184 -3.02 -15.95 26.65
N ALA C 185 -2.32 -17.07 26.93
CA ALA C 185 -1.18 -17.55 26.14
C ALA C 185 -1.57 -18.27 24.83
N SER C 186 -2.86 -18.61 24.66
CA SER C 186 -3.39 -19.34 23.49
C SER C 186 -4.11 -18.49 22.46
N ILE C 187 -4.12 -17.18 22.63
CA ILE C 187 -4.67 -16.21 21.68
C ILE C 187 -3.61 -15.19 21.26
N VAL C 188 -3.49 -14.95 19.95
CA VAL C 188 -2.58 -13.93 19.40
C VAL C 188 -3.43 -13.03 18.48
N TYR C 189 -3.34 -11.70 18.67
CA TYR C 189 -3.98 -10.73 17.81
C TYR C 189 -3.06 -10.26 16.70
N ILE C 190 -3.64 -9.99 15.51
CA ILE C 190 -2.93 -9.41 14.36
C ILE C 190 -3.77 -8.30 13.74
N GLY C 191 -3.19 -7.11 13.55
CA GLY C 191 -3.85 -5.99 12.85
C GLY C 191 -4.35 -4.82 13.67
N LEU C 192 -4.25 -4.91 15.01
CA LEU C 192 -4.77 -3.93 15.97
C LEU C 192 -4.39 -2.50 15.65
N ARG C 193 -5.38 -1.62 15.63
CA ARG C 193 -5.14 -0.18 15.40
C ARG C 193 -6.21 0.70 16.05
N ASP C 194 -7.28 0.10 16.62
CA ASP C 194 -8.33 0.88 17.30
C ASP C 194 -8.67 0.18 18.62
N VAL C 195 -7.80 0.41 19.63
CA VAL C 195 -7.81 -0.21 20.95
C VAL C 195 -8.22 0.77 22.06
N ASP C 196 -9.30 0.43 22.81
CA ASP C 196 -9.78 1.25 23.94
C ASP C 196 -8.81 1.19 25.11
N PRO C 197 -8.70 2.27 25.92
CA PRO C 197 -7.79 2.22 27.10
C PRO C 197 -8.00 1.01 28.03
N PRO C 198 -9.24 0.53 28.38
CA PRO C 198 -9.34 -0.70 29.20
C PRO C 198 -8.85 -1.95 28.44
N GLU C 199 -8.99 -1.97 27.10
CA GLU C 199 -8.53 -3.09 26.28
C GLU C 199 -7.02 -3.12 26.26
N HIS C 200 -6.35 -1.95 26.11
CA HIS C 200 -4.90 -1.90 26.15
C HIS C 200 -4.40 -2.40 27.51
N PHE C 201 -5.13 -2.04 28.60
CA PHE C 201 -4.82 -2.48 29.95
C PHE C 201 -4.89 -4.00 30.06
N ILE C 202 -5.98 -4.61 29.56
CA ILE C 202 -6.15 -6.07 29.58
C ILE C 202 -4.99 -6.76 28.84
N LEU C 203 -4.69 -6.29 27.61
CA LEU C 203 -3.64 -6.88 26.76
C LEU C 203 -2.31 -6.91 27.48
N LYS C 204 -1.92 -5.78 28.11
CA LYS C 204 -0.65 -5.70 28.84
C LYS C 204 -0.68 -6.45 30.16
N ASN C 205 -1.72 -6.23 30.97
CA ASN C 205 -1.86 -6.85 32.30
C ASN C 205 -2.00 -8.37 32.28
N TYR C 206 -2.69 -8.94 31.28
CA TYR C 206 -2.85 -10.40 31.17
C TYR C 206 -1.87 -11.07 30.18
N ASP C 207 -0.84 -10.30 29.74
CA ASP C 207 0.23 -10.73 28.83
C ASP C 207 -0.29 -11.41 27.55
N ILE C 208 -1.31 -10.82 26.94
CA ILE C 208 -1.87 -11.33 25.68
C ILE C 208 -0.99 -10.77 24.57
N GLN C 209 -0.37 -11.66 23.79
CA GLN C 209 0.51 -11.25 22.71
C GLN C 209 -0.27 -10.71 21.52
N TYR C 210 0.19 -9.60 20.97
CA TYR C 210 -0.44 -8.98 19.80
C TYR C 210 0.56 -8.39 18.80
N PHE C 211 0.14 -8.25 17.54
CA PHE C 211 0.95 -7.63 16.49
C PHE C 211 0.10 -6.55 15.89
N SER C 212 0.25 -5.32 16.42
CA SER C 212 -0.54 -4.19 15.92
C SER C 212 -0.04 -3.82 14.52
N MET C 213 -0.66 -2.80 13.89
CA MET C 213 -0.20 -2.34 12.59
C MET C 213 1.23 -1.81 12.67
N ARG C 214 1.60 -1.25 13.84
CA ARG C 214 2.96 -0.74 14.09
C ARG C 214 3.96 -1.90 14.16
N ASP C 215 3.59 -3.02 14.81
CA ASP C 215 4.45 -4.22 14.83
C ASP C 215 4.66 -4.78 13.40
N ILE C 216 3.61 -4.73 12.56
CA ILE C 216 3.66 -5.17 11.16
C ILE C 216 4.57 -4.23 10.34
N ASP C 217 4.45 -2.89 10.55
CA ASP C 217 5.30 -1.89 9.88
C ASP C 217 6.79 -2.15 10.16
N ARG C 218 7.09 -2.57 11.38
CA ARG C 218 8.46 -2.85 11.84
C ARG C 218 9.00 -4.22 11.41
N LEU C 219 8.29 -5.30 11.81
CA LEU C 219 8.75 -6.66 11.56
C LEU C 219 8.49 -7.15 10.15
N GLY C 220 7.35 -6.76 9.59
CA GLY C 220 6.89 -7.28 8.31
C GLY C 220 5.99 -8.47 8.59
N ILE C 221 5.02 -8.73 7.69
CA ILE C 221 4.08 -9.84 7.89
C ILE C 221 4.75 -11.26 7.96
N GLN C 222 5.90 -11.50 7.29
CA GLN C 222 6.55 -12.82 7.37
C GLN C 222 6.96 -13.11 8.79
N LYS C 223 7.69 -12.16 9.43
CA LYS C 223 8.15 -12.31 10.82
C LYS C 223 6.99 -12.37 11.82
N VAL C 224 5.94 -11.56 11.57
CA VAL C 224 4.71 -11.59 12.38
C VAL C 224 4.13 -13.03 12.43
N MET C 225 3.99 -13.70 11.26
CA MET C 225 3.43 -15.07 11.16
C MET C 225 4.35 -16.09 11.85
N GLU C 226 5.68 -15.96 11.65
CA GLU C 226 6.69 -16.81 12.31
C GLU C 226 6.58 -16.68 13.82
N ARG C 227 6.53 -15.43 14.36
CA ARG C 227 6.43 -15.17 15.78
C ARG C 227 5.12 -15.68 16.34
N THR C 228 3.99 -15.48 15.61
CA THR C 228 2.69 -16.00 16.01
C THR C 228 2.72 -17.53 16.21
N PHE C 229 3.24 -18.29 15.23
CA PHE C 229 3.33 -19.75 15.33
C PHE C 229 4.31 -20.19 16.41
N ASP C 230 5.41 -19.44 16.61
CA ASP C 230 6.35 -19.73 17.71
C ASP C 230 5.61 -19.67 19.05
N LEU C 231 4.74 -18.67 19.24
CA LEU C 231 3.98 -18.54 20.50
C LEU C 231 2.91 -19.62 20.69
N LEU C 232 2.20 -19.97 19.61
CA LEU C 232 1.07 -20.88 19.67
C LEU C 232 1.38 -22.34 19.46
N ILE C 233 2.17 -22.67 18.43
CA ILE C 233 2.51 -24.04 18.06
C ILE C 233 4.03 -24.36 18.13
N GLY C 234 4.75 -23.57 18.92
CA GLY C 234 6.18 -23.78 19.13
C GLY C 234 6.50 -25.05 19.92
N LYS C 235 5.57 -25.47 20.79
CA LYS C 235 5.76 -26.67 21.62
C LYS C 235 5.08 -27.92 21.05
N ARG C 236 3.92 -27.77 20.39
CA ARG C 236 3.17 -28.90 19.83
C ARG C 236 2.19 -28.41 18.79
N GLN C 237 1.73 -29.32 17.93
CA GLN C 237 0.69 -29.03 16.94
C GLN C 237 -0.61 -28.92 17.71
N ARG C 238 -1.45 -27.93 17.34
CA ARG C 238 -2.70 -27.67 18.02
C ARG C 238 -3.74 -27.29 16.96
N PRO C 239 -5.05 -27.54 17.19
CA PRO C 239 -6.07 -27.05 16.24
C PRO C 239 -6.09 -25.51 16.25
N ILE C 240 -6.07 -24.90 15.07
CA ILE C 240 -6.06 -23.44 15.00
C ILE C 240 -7.46 -22.98 14.70
N HIS C 241 -7.88 -21.94 15.43
CA HIS C 241 -9.12 -21.21 15.21
C HIS C 241 -8.77 -19.81 14.65
N LEU C 242 -9.06 -19.56 13.37
CA LEU C 242 -8.77 -18.26 12.77
C LEU C 242 -10.02 -17.40 12.81
N SER C 243 -10.02 -16.36 13.65
CA SER C 243 -11.18 -15.44 13.78
C SER C 243 -10.86 -14.16 13.04
N PHE C 244 -11.36 -14.07 11.79
CA PHE C 244 -10.98 -12.98 10.89
C PHE C 244 -12.06 -11.96 10.70
N ASP C 245 -11.82 -10.76 11.21
CA ASP C 245 -12.74 -9.65 11.03
C ASP C 245 -12.32 -8.92 9.78
N ILE C 246 -13.22 -8.79 8.79
CA ILE C 246 -12.87 -8.14 7.51
C ILE C 246 -12.29 -6.71 7.70
N ASP C 247 -12.68 -5.99 8.79
CA ASP C 247 -12.18 -4.64 9.08
C ASP C 247 -10.68 -4.62 9.47
N ALA C 248 -10.01 -5.80 9.56
CA ALA C 248 -8.56 -5.86 9.76
C ALA C 248 -7.90 -5.22 8.50
N PHE C 249 -8.55 -5.38 7.32
CA PHE C 249 -8.06 -4.80 6.07
C PHE C 249 -8.36 -3.32 6.03
N ASP C 250 -7.53 -2.58 5.27
CA ASP C 250 -7.72 -1.14 5.06
C ASP C 250 -9.10 -0.88 4.46
N PRO C 251 -9.83 0.17 4.92
CA PRO C 251 -11.17 0.48 4.35
C PRO C 251 -11.27 0.59 2.83
N THR C 252 -10.20 1.00 2.12
CA THR C 252 -10.17 1.08 0.65
C THR C 252 -10.37 -0.32 0.01
N LEU C 253 -9.97 -1.40 0.71
CA LEU C 253 -10.08 -2.80 0.25
C LEU C 253 -11.35 -3.48 0.76
N ALA C 254 -11.75 -3.17 2.01
CA ALA C 254 -12.95 -3.70 2.66
C ALA C 254 -13.87 -2.57 3.14
N PRO C 255 -14.50 -1.82 2.19
CA PRO C 255 -15.35 -0.70 2.60
C PRO C 255 -16.66 -1.07 3.30
N ALA C 256 -17.30 -2.18 2.90
CA ALA C 256 -18.61 -2.56 3.40
C ALA C 256 -18.54 -3.27 4.77
N THR C 257 -18.19 -2.47 5.83
CA THR C 257 -18.03 -2.88 7.22
C THR C 257 -18.44 -1.72 8.19
N GLY C 258 -18.90 -2.08 9.38
CA GLY C 258 -19.44 -1.15 10.39
C GLY C 258 -18.47 -0.19 11.05
N THR C 259 -17.29 -0.69 11.43
CA THR C 259 -16.30 0.13 12.11
C THR C 259 -14.99 0.20 11.30
N PRO C 260 -14.97 0.87 10.10
CA PRO C 260 -13.71 0.95 9.34
C PRO C 260 -12.69 1.80 10.06
N VAL C 261 -11.42 1.41 9.99
CA VAL C 261 -10.31 2.15 10.61
C VAL C 261 -9.18 2.21 9.58
N VAL C 262 -8.76 3.43 9.20
CA VAL C 262 -7.67 3.71 8.24
C VAL C 262 -6.34 3.10 8.71
N GLY C 263 -5.49 2.74 7.74
CA GLY C 263 -4.15 2.20 7.91
C GLY C 263 -4.11 0.74 8.26
N GLY C 264 -5.00 -0.04 7.64
CA GLY C 264 -5.09 -1.49 7.87
C GLY C 264 -4.19 -2.34 7.01
N LEU C 265 -4.47 -3.65 7.02
CA LEU C 265 -3.74 -4.64 6.22
C LEU C 265 -3.95 -4.39 4.76
N THR C 266 -2.91 -4.64 3.98
CA THR C 266 -3.03 -4.60 2.53
C THR C 266 -3.59 -5.98 2.15
N TYR C 267 -4.13 -6.09 0.92
CA TYR C 267 -4.60 -7.35 0.36
C TYR C 267 -3.51 -8.42 0.48
N ARG C 268 -2.27 -8.06 0.12
CA ARG C 268 -1.12 -8.97 0.14
C ARG C 268 -0.83 -9.52 1.53
N GLU C 269 -0.87 -8.66 2.56
CA GLU C 269 -0.64 -9.06 3.97
C GLU C 269 -1.72 -10.02 4.47
N GLY C 270 -2.97 -9.74 4.11
CA GLY C 270 -4.12 -10.57 4.48
C GLY C 270 -4.02 -11.94 3.86
N MET C 271 -3.64 -12.01 2.58
CA MET C 271 -3.45 -13.30 1.88
C MET C 271 -2.29 -14.05 2.50
N TYR C 272 -1.24 -13.32 2.86
CA TYR C 272 -0.06 -13.90 3.50
C TYR C 272 -0.42 -14.61 4.82
N ILE C 273 -1.24 -13.95 5.69
CA ILE C 273 -1.72 -14.50 6.96
C ILE C 273 -2.45 -15.83 6.66
N ALA C 274 -3.46 -15.79 5.78
CA ALA C 274 -4.26 -16.96 5.40
C ALA C 274 -3.41 -18.10 4.81
N GLU C 275 -2.51 -17.78 3.86
CA GLU C 275 -1.60 -18.77 3.24
C GLU C 275 -0.74 -19.43 4.33
N GLU C 276 -0.20 -18.65 5.29
CA GLU C 276 0.62 -19.22 6.38
C GLU C 276 -0.18 -20.16 7.28
N ILE C 277 -1.46 -19.80 7.56
CA ILE C 277 -2.39 -20.61 8.37
C ILE C 277 -2.60 -21.96 7.63
N HIS C 278 -2.86 -21.88 6.31
CA HIS C 278 -3.04 -23.06 5.47
C HIS C 278 -1.81 -23.95 5.53
N ASN C 279 -0.60 -23.36 5.39
CA ASN C 279 0.67 -24.10 5.39
C ASN C 279 0.92 -24.94 6.64
N THR C 280 0.33 -24.56 7.81
CA THR C 280 0.49 -25.34 9.05
C THR C 280 -0.20 -26.70 8.94
N GLY C 281 -1.28 -26.73 8.15
CA GLY C 281 -2.15 -27.89 8.02
C GLY C 281 -3.00 -28.11 9.27
N LEU C 282 -3.08 -27.11 10.18
CA LEU C 282 -3.78 -27.24 11.47
C LEU C 282 -5.08 -26.49 11.60
N LEU C 283 -5.49 -25.75 10.54
CA LEU C 283 -6.71 -24.96 10.60
C LEU C 283 -7.88 -25.88 10.86
N SER C 284 -8.61 -25.60 11.94
CA SER C 284 -9.73 -26.42 12.41
C SER C 284 -11.08 -25.66 12.36
N ALA C 285 -11.06 -24.34 12.48
CA ALA C 285 -12.26 -23.48 12.38
C ALA C 285 -11.85 -22.10 11.93
N LEU C 286 -12.73 -21.43 11.20
CA LEU C 286 -12.45 -20.11 10.69
C LEU C 286 -13.73 -19.30 10.76
N ASP C 287 -13.62 -18.05 11.25
CA ASP C 287 -14.74 -17.11 11.25
C ASP C 287 -14.40 -16.01 10.27
N LEU C 288 -15.39 -15.61 9.46
CA LEU C 288 -15.18 -14.49 8.54
C LEU C 288 -16.38 -13.59 8.83
N VAL C 289 -16.11 -12.48 9.53
CA VAL C 289 -17.17 -11.63 10.08
C VAL C 289 -17.09 -10.19 9.64
N GLU C 290 -18.18 -9.44 9.96
CA GLU C 290 -18.35 -7.99 9.82
C GLU C 290 -18.47 -7.49 8.37
N VAL C 291 -18.78 -8.38 7.41
CA VAL C 291 -19.08 -7.99 6.03
C VAL C 291 -20.55 -7.49 6.09
N ASN C 292 -20.76 -6.20 5.83
CA ASN C 292 -22.08 -5.56 5.86
C ASN C 292 -22.33 -4.93 4.48
N PRO C 293 -23.02 -5.66 3.57
CA PRO C 293 -23.24 -5.13 2.21
C PRO C 293 -24.05 -3.83 2.12
N GLN C 294 -24.90 -3.55 3.14
CA GLN C 294 -25.72 -2.32 3.23
C GLN C 294 -24.89 -1.04 3.41
N LEU C 295 -23.72 -1.13 4.05
CA LEU C 295 -22.87 0.02 4.35
C LEU C 295 -21.99 0.47 3.19
N ALA C 296 -22.00 -0.27 2.08
CA ALA C 296 -21.25 0.06 0.89
C ALA C 296 -21.95 1.23 0.17
N THR C 297 -21.19 2.27 -0.21
CA THR C 297 -21.71 3.45 -0.91
C THR C 297 -22.22 3.12 -2.32
N SER C 298 -21.71 2.03 -2.92
CA SER C 298 -22.07 1.54 -4.25
C SER C 298 -22.10 0.00 -4.28
N GLU C 299 -22.75 -0.59 -5.32
CA GLU C 299 -22.86 -2.04 -5.51
C GLU C 299 -21.48 -2.69 -5.68
N GLU C 300 -20.54 -1.97 -6.33
CA GLU C 300 -19.18 -2.44 -6.55
C GLU C 300 -18.36 -2.49 -5.23
N GLU C 301 -18.64 -1.57 -4.28
CA GLU C 301 -17.99 -1.53 -2.96
C GLU C 301 -18.39 -2.78 -2.13
N ALA C 302 -19.68 -3.21 -2.23
CA ALA C 302 -20.19 -4.38 -1.52
C ALA C 302 -19.57 -5.65 -2.11
N LYS C 303 -19.45 -5.69 -3.46
CA LYS C 303 -18.86 -6.81 -4.20
C LYS C 303 -17.37 -6.93 -3.94
N THR C 304 -16.64 -5.80 -3.90
CA THR C 304 -15.20 -5.76 -3.59
C THR C 304 -14.95 -6.43 -2.21
N THR C 305 -15.72 -6.03 -1.17
CA THR C 305 -15.63 -6.59 0.20
C THR C 305 -15.96 -8.08 0.20
N ALA C 306 -17.10 -8.48 -0.43
CA ALA C 306 -17.48 -9.89 -0.52
C ALA C 306 -16.43 -10.72 -1.28
N ASN C 307 -15.81 -10.17 -2.34
CA ASN C 307 -14.76 -10.87 -3.10
C ASN C 307 -13.52 -11.07 -2.24
N LEU C 308 -13.20 -10.05 -1.43
CA LEU C 308 -12.08 -10.07 -0.48
C LEU C 308 -12.29 -11.18 0.58
N ALA C 309 -13.52 -11.28 1.13
CA ALA C 309 -13.91 -12.30 2.13
C ALA C 309 -13.72 -13.72 1.54
N VAL C 310 -14.10 -13.92 0.26
CA VAL C 310 -13.91 -15.21 -0.45
C VAL C 310 -12.41 -15.54 -0.60
N ASP C 311 -11.58 -14.54 -0.97
CA ASP C 311 -10.14 -14.72 -1.11
C ASP C 311 -9.47 -15.14 0.19
N VAL C 312 -9.87 -14.52 1.32
CA VAL C 312 -9.35 -14.91 2.66
C VAL C 312 -9.69 -16.36 2.92
N ILE C 313 -10.99 -16.75 2.74
CA ILE C 313 -11.43 -18.12 3.05
C ILE C 313 -10.73 -19.13 2.14
N ALA C 314 -10.69 -18.88 0.81
CA ALA C 314 -10.02 -19.76 -0.17
C ALA C 314 -8.52 -19.91 0.15
N SER C 315 -7.84 -18.79 0.46
CA SER C 315 -6.41 -18.82 0.82
C SER C 315 -6.17 -19.61 2.08
N SER C 316 -7.14 -19.62 3.02
CA SER C 316 -7.01 -20.38 4.25
C SER C 316 -7.09 -21.88 4.02
N PHE C 317 -7.65 -22.31 2.88
CA PHE C 317 -7.83 -23.70 2.48
C PHE C 317 -6.97 -24.12 1.28
N GLY C 318 -5.96 -23.34 0.93
CA GLY C 318 -5.07 -23.78 -0.12
C GLY C 318 -4.81 -22.89 -1.29
N GLN C 319 -5.71 -21.91 -1.56
CA GLN C 319 -5.50 -21.01 -2.68
C GLN C 319 -4.19 -20.24 -2.48
N THR C 320 -3.35 -20.27 -3.52
CA THR C 320 -2.05 -19.60 -3.49
C THR C 320 -2.00 -18.62 -4.64
N ARG C 321 -1.02 -17.76 -4.59
CA ARG C 321 -0.79 -16.78 -5.62
C ARG C 321 0.20 -17.37 -6.62
N GLU C 322 0.83 -18.49 -6.26
CA GLU C 322 1.78 -19.23 -7.09
C GLU C 322 1.16 -20.36 -7.92
N GLY C 323 -0.03 -20.79 -7.55
CA GLY C 323 -0.80 -21.81 -8.26
C GLY C 323 -0.47 -23.28 -8.04
N GLY C 324 0.18 -23.60 -6.92
CA GLY C 324 0.55 -24.98 -6.60
C GLY C 324 -0.43 -25.83 -5.81
N HIS C 325 -1.66 -25.34 -5.60
CA HIS C 325 -2.69 -26.05 -4.81
C HIS C 325 -3.29 -27.30 -5.49
N ILE C 326 -3.34 -27.31 -6.82
CA ILE C 326 -3.90 -28.41 -7.61
C ILE C 326 -2.76 -29.31 -8.10
N VAL C 327 -2.94 -30.63 -7.98
CA VAL C 327 -1.95 -31.61 -8.41
C VAL C 327 -1.85 -31.56 -9.94
N TYR C 328 -0.62 -31.38 -10.43
CA TYR C 328 -0.31 -31.38 -11.86
C TYR C 328 1.12 -31.86 -11.96
N ASP C 329 1.30 -33.04 -12.57
CA ASP C 329 2.61 -33.68 -12.60
C ASP C 329 3.05 -34.22 -13.94
N GLN C 330 2.30 -33.94 -15.02
CA GLN C 330 2.77 -34.41 -16.32
C GLN C 330 2.20 -33.58 -17.43
N LEU C 331 3.09 -33.09 -18.28
CA LEU C 331 2.69 -32.26 -19.40
C LEU C 331 2.15 -33.08 -20.57
N PRO C 332 1.09 -32.58 -21.26
CA PRO C 332 0.66 -33.26 -22.49
C PRO C 332 1.72 -33.08 -23.57
N THR C 333 1.82 -34.03 -24.49
CA THR C 333 2.82 -34.01 -25.55
C THR C 333 2.17 -34.06 -26.93
N PRO C 334 2.76 -33.37 -27.93
CA PRO C 334 2.15 -33.34 -29.29
C PRO C 334 2.25 -34.64 -30.12
#